data_1OG2
#
_entry.id   1OG2
#
_cell.length_a   164.870
_cell.length_b   164.870
_cell.length_c   111.105
_cell.angle_alpha   90.00
_cell.angle_beta   90.00
_cell.angle_gamma   120.00
#
_symmetry.space_group_name_H-M   'P 3 2 1'
#
loop_
_entity.id
_entity.type
_entity.pdbx_description
1 polymer 'CYTOCHROME P450 2C9'
2 non-polymer 'HEME C'
3 water water
#
_entity_poly.entity_id   1
_entity_poly.type   'polypeptide(L)'
_entity_poly.pdbx_seq_one_letter_code
;MAKKTSSKGRPPGPTPLPVIGNILQIGIKDISKSLTNLSKVYGPVFTLYFGLKPIVVLHGYEAVKEALIDLGEEFSGRGI
FPLAERANRGFGIVFSNGKKWKEIRRFSLMTLRNFGMGKRSIEDRVQEEARCLVEELRKTKASPCDPTFILGCAPCNVIC
SIIFHKRFDYKDQQFLNLMEKLNENIEILSSPWIQVYNNFPALLDYFPGTHNKLLKNVAFMKSYILEKVKEHQESMDMNN
PQDFIDCFLMKMEKEKHNQPSEFTIESLENTAVDLFGAGTETTSTTLRYALLLLLKHPEVTAKVQEEIERVIGRNRSPCM
QDRSHMPYTDAVVHEVQRYIDLLPTSLPHAVTCDIKFRNYLIPKGTTILISLTSVLHDNKEFPNPEMFDPHHFLDEGGNF
KKSKYFMPFSAGKRICVGEALAGMELFLFLTSILQNFNLKSLVDPKNLDTTPVVNGFASVPPFYQLCFIPVHHHH
;
_entity_poly.pdbx_strand_id   A,B
#
loop_
_chem_comp.id
_chem_comp.type
_chem_comp.name
_chem_comp.formula
HEC non-polymer 'HEME C' 'C34 H34 Fe N4 O4'
#
# COMPACT_ATOMS: atom_id res chain seq x y z
N PRO A 11 30.38 -13.68 17.44
CA PRO A 11 29.00 -13.12 17.16
C PRO A 11 28.38 -12.63 18.45
N PRO A 12 28.19 -11.33 18.65
CA PRO A 12 28.04 -10.74 19.99
C PRO A 12 26.75 -11.14 20.63
N GLY A 13 26.46 -10.63 21.83
CA GLY A 13 25.22 -10.93 22.53
C GLY A 13 25.45 -10.84 24.03
N PRO A 14 24.38 -10.73 24.82
CA PRO A 14 24.54 -10.59 26.27
C PRO A 14 25.20 -11.83 26.81
N THR A 15 26.12 -11.64 27.76
CA THR A 15 26.73 -12.72 28.53
C THR A 15 25.66 -13.43 29.38
N PRO A 16 25.58 -14.74 29.22
CA PRO A 16 24.59 -15.57 29.93
C PRO A 16 25.04 -16.01 31.32
N LEU A 17 24.08 -16.15 32.23
CA LEU A 17 24.34 -16.58 33.60
C LEU A 17 24.53 -18.11 33.66
N PRO A 18 25.22 -18.59 34.70
CA PRO A 18 25.71 -19.98 34.75
C PRO A 18 24.77 -21.04 34.17
N VAL A 19 23.56 -21.20 34.70
CA VAL A 19 22.68 -22.28 34.23
C VAL A 19 21.39 -21.77 33.55
N ILE A 20 20.98 -20.56 33.91
CA ILE A 20 19.71 -19.96 33.45
C ILE A 20 19.83 -19.25 32.08
N GLY A 21 20.95 -19.44 31.38
CA GLY A 21 21.11 -18.92 30.05
C GLY A 21 20.87 -17.42 30.05
N ASN A 22 20.14 -16.93 29.05
CA ASN A 22 19.89 -15.50 28.89
C ASN A 22 18.48 -15.13 29.31
N ILE A 23 17.81 -15.99 30.07
CA ILE A 23 16.39 -15.84 30.40
C ILE A 23 16.01 -14.57 31.14
N LEU A 24 16.92 -13.97 31.89
CA LEU A 24 16.58 -12.74 32.60
C LEU A 24 16.36 -11.62 31.56
N GLN A 25 17.22 -11.60 30.56
CA GLN A 25 17.19 -10.60 29.49
C GLN A 25 16.00 -10.71 28.52
N ILE A 26 15.47 -11.92 28.31
CA ILE A 26 14.41 -12.16 27.30
C ILE A 26 13.07 -12.53 27.90
N GLY A 27 13.12 -13.27 28.99
CA GLY A 27 11.96 -13.61 29.75
C GLY A 27 11.17 -14.69 29.06
N ILE A 28 9.95 -14.82 29.50
CA ILE A 28 9.07 -15.88 29.07
C ILE A 28 7.78 -15.33 28.41
N LYS A 29 7.62 -14.00 28.45
CA LYS A 29 6.42 -13.27 28.05
C LYS A 29 6.44 -13.06 26.52
N ASP A 30 6.42 -11.82 26.03
CA ASP A 30 6.63 -11.54 24.62
C ASP A 30 8.13 -11.56 24.30
N ILE A 31 8.62 -12.71 23.89
CA ILE A 31 10.02 -12.82 23.58
C ILE A 31 10.40 -12.09 22.29
N SER A 32 9.47 -11.89 21.35
CA SER A 32 9.83 -11.13 20.14
C SER A 32 10.16 -9.66 20.43
N LYS A 33 9.44 -9.04 21.38
CA LYS A 33 9.76 -7.69 21.82
C LYS A 33 11.16 -7.61 22.45
N SER A 34 11.51 -8.60 23.26
CA SER A 34 12.83 -8.65 23.86
C SER A 34 13.94 -8.74 22.83
N LEU A 35 13.67 -9.47 21.76
CA LEU A 35 14.64 -9.59 20.68
C LEU A 35 14.88 -8.27 19.93
N THR A 36 13.85 -7.44 19.83
CA THR A 36 13.95 -6.18 19.10
C THR A 36 14.81 -5.25 19.94
N ASN A 37 14.49 -5.17 21.23
CA ASN A 37 15.27 -4.43 22.22
C ASN A 37 16.74 -4.87 22.24
N LEU A 38 16.99 -6.17 22.27
CA LEU A 38 18.37 -6.64 22.20
C LEU A 38 19.06 -6.23 20.91
N SER A 39 18.33 -6.19 19.79
CA SER A 39 18.90 -5.80 18.50
C SER A 39 19.38 -4.35 18.56
N LYS A 40 18.69 -3.52 19.33
CA LYS A 40 19.05 -2.12 19.53
C LYS A 40 20.43 -1.96 20.19
N VAL A 41 20.88 -2.98 20.95
CA VAL A 41 22.21 -2.94 21.55
C VAL A 41 23.24 -3.88 20.92
N TYR A 42 22.84 -5.02 20.40
CA TYR A 42 23.86 -5.93 19.86
C TYR A 42 23.93 -5.91 18.35
N GLY A 43 22.99 -5.23 17.72
CA GLY A 43 22.95 -5.10 16.27
C GLY A 43 22.01 -6.11 15.66
N PRO A 44 22.05 -6.22 14.33
CA PRO A 44 21.17 -7.14 13.60
C PRO A 44 21.54 -8.61 13.70
N VAL A 45 22.73 -8.97 14.20
CA VAL A 45 23.11 -10.39 14.32
C VAL A 45 23.67 -10.70 15.72
N PHE A 46 22.79 -11.11 16.64
CA PHE A 46 23.28 -11.45 17.96
C PHE A 46 23.11 -12.90 18.34
N THR A 47 23.89 -13.29 19.37
CA THR A 47 23.89 -14.62 19.98
C THR A 47 23.05 -14.60 21.25
N LEU A 48 22.33 -15.68 21.49
CA LEU A 48 21.42 -15.77 22.61
C LEU A 48 21.39 -17.18 23.16
N TYR A 49 21.37 -17.29 24.48
CA TYR A 49 21.48 -18.59 25.13
C TYR A 49 20.13 -19.00 25.69
N PHE A 50 19.66 -20.16 25.24
CA PHE A 50 18.47 -20.78 25.81
C PHE A 50 18.90 -21.88 26.77
N GLY A 51 19.06 -21.50 28.05
CA GLY A 51 19.90 -22.23 28.98
C GLY A 51 21.34 -22.30 28.43
N LEU A 52 21.74 -23.49 27.95
CA LEU A 52 23.11 -23.72 27.44
C LEU A 52 23.25 -23.76 25.91
N LYS A 53 22.12 -23.69 25.20
CA LYS A 53 22.04 -23.72 23.72
C LYS A 53 22.34 -22.34 23.10
N PRO A 54 23.29 -22.27 22.16
CA PRO A 54 23.61 -20.99 21.50
C PRO A 54 22.73 -20.79 20.27
N ILE A 55 22.04 -19.66 20.24
CA ILE A 55 21.10 -19.29 19.19
C ILE A 55 21.59 -18.02 18.54
N VAL A 56 21.78 -18.01 17.22
CA VAL A 56 21.94 -16.74 16.50
C VAL A 56 20.57 -16.15 16.07
N VAL A 57 20.18 -15.00 16.62
CA VAL A 57 19.02 -14.21 16.13
C VAL A 57 19.39 -13.25 14.96
N LEU A 58 18.64 -13.27 13.86
CA LEU A 58 18.75 -12.28 12.76
C LEU A 58 17.58 -11.28 12.78
N HIS A 59 17.83 -9.97 12.88
CA HIS A 59 16.73 -9.04 13.12
C HIS A 59 16.18 -8.35 11.87
N GLY A 60 16.79 -7.31 11.36
CA GLY A 60 16.07 -6.54 10.36
C GLY A 60 15.92 -7.24 9.02
N TYR A 61 15.19 -6.60 8.10
CA TYR A 61 15.01 -7.11 6.73
C TYR A 61 16.31 -7.44 6.05
N GLU A 62 17.30 -6.56 6.15
CA GLU A 62 18.53 -6.74 5.39
C GLU A 62 19.23 -8.05 5.78
N ALA A 63 19.32 -8.33 7.08
CA ALA A 63 20.02 -9.54 7.53
C ALA A 63 19.20 -10.79 7.18
N VAL A 64 17.89 -10.72 7.40
CA VAL A 64 16.99 -11.83 7.05
C VAL A 64 17.06 -12.14 5.57
N LYS A 65 17.02 -11.10 4.74
CA LYS A 65 17.07 -11.30 3.28
C LYS A 65 18.44 -11.88 2.90
N GLU A 66 19.50 -11.35 3.51
CA GLU A 66 20.83 -11.80 3.19
C GLU A 66 21.04 -13.27 3.55
N ALA A 67 20.38 -13.76 4.60
CA ALA A 67 20.53 -15.15 5.04
C ALA A 67 19.57 -16.09 4.32
N LEU A 68 18.29 -15.83 4.47
CA LEU A 68 17.25 -16.69 3.92
C LEU A 68 17.19 -16.73 2.39
N ILE A 69 17.50 -15.61 1.73
CA ILE A 69 17.52 -15.56 0.27
C ILE A 69 18.95 -15.71 -0.34
N ASP A 70 19.93 -14.88 0.07
CA ASP A 70 21.26 -14.88 -0.59
C ASP A 70 22.17 -16.05 -0.18
N LEU A 71 22.07 -16.49 1.06
CA LEU A 71 22.68 -17.76 1.46
C LEU A 71 21.56 -18.79 1.72
N GLY A 72 20.61 -18.87 0.79
CA GLY A 72 19.43 -19.70 0.94
C GLY A 72 19.68 -21.15 1.32
N GLU A 73 20.62 -21.78 0.62
CA GLU A 73 20.96 -23.19 0.90
C GLU A 73 21.58 -23.31 2.29
N GLU A 74 22.51 -22.42 2.59
CA GLU A 74 23.22 -22.47 3.86
C GLU A 74 22.30 -22.33 5.06
N PHE A 75 21.15 -21.69 4.89
CA PHE A 75 20.19 -21.44 5.98
C PHE A 75 18.89 -22.26 5.84
N SER A 76 18.93 -23.29 4.98
CA SER A 76 17.77 -24.10 4.68
C SER A 76 17.41 -25.06 5.79
N GLY A 77 18.33 -25.31 6.70
CA GLY A 77 18.08 -26.30 7.74
C GLY A 77 16.98 -25.86 8.70
N ARG A 78 16.27 -26.86 9.22
CA ARG A 78 15.30 -26.68 10.29
C ARG A 78 16.01 -27.05 11.55
N GLY A 79 15.75 -26.31 12.62
CA GLY A 79 16.36 -26.54 13.91
C GLY A 79 15.31 -26.78 14.95
N ILE A 80 15.61 -27.68 15.88
CA ILE A 80 14.60 -28.22 16.77
C ILE A 80 14.96 -27.84 18.20
N PHE A 81 14.04 -27.18 18.89
CA PHE A 81 14.18 -26.96 20.33
C PHE A 81 13.83 -28.25 21.13
N PRO A 82 14.37 -28.36 22.35
CA PRO A 82 14.12 -29.52 23.23
C PRO A 82 12.72 -30.11 23.21
N LEU A 83 11.70 -29.30 23.43
CA LEU A 83 10.34 -29.84 23.54
C LEU A 83 9.90 -30.55 22.26
N ALA A 84 10.18 -29.96 21.10
CA ALA A 84 9.81 -30.57 19.83
C ALA A 84 10.57 -31.86 19.58
N GLU A 85 11.84 -31.89 19.94
CA GLU A 85 12.63 -33.08 19.82
C GLU A 85 11.94 -34.24 20.52
N ARG A 86 11.51 -34.04 21.75
CA ARG A 86 10.83 -35.08 22.53
C ARG A 86 9.42 -35.41 22.09
N ALA A 87 8.72 -34.42 21.53
CA ALA A 87 7.31 -34.55 21.16
C ALA A 87 7.09 -35.08 19.76
N ASN A 88 8.18 -35.32 19.02
CA ASN A 88 8.10 -35.79 17.63
C ASN A 88 8.84 -37.10 17.38
N ARG A 89 8.06 -38.17 17.18
CA ARG A 89 8.60 -39.45 16.74
C ARG A 89 8.35 -39.53 15.25
N GLY A 90 9.40 -39.30 14.48
CA GLY A 90 9.31 -39.45 13.03
C GLY A 90 9.12 -38.11 12.35
N PHE A 91 9.81 -37.93 11.22
CA PHE A 91 9.85 -36.67 10.53
C PHE A 91 9.17 -36.74 9.14
N GLY A 92 8.43 -35.69 8.79
CA GLY A 92 7.81 -35.59 7.48
C GLY A 92 8.43 -34.47 6.65
N ILE A 93 8.03 -33.25 6.97
CA ILE A 93 8.38 -32.09 6.17
C ILE A 93 8.81 -30.92 7.03
N VAL A 94 8.04 -30.65 8.08
CA VAL A 94 8.26 -29.49 8.94
C VAL A 94 9.58 -29.59 9.70
N PHE A 95 9.98 -30.83 10.04
CA PHE A 95 11.13 -31.06 10.92
C PHE A 95 12.23 -31.87 10.25
N SER A 96 12.04 -32.22 9.00
CA SER A 96 13.01 -32.99 8.25
C SER A 96 14.19 -32.12 7.87
N ASN A 97 15.27 -32.76 7.45
CA ASN A 97 16.46 -32.09 6.94
C ASN A 97 17.08 -32.92 5.81
N GLY A 98 18.11 -32.40 5.16
CA GLY A 98 18.77 -33.17 4.10
C GLY A 98 17.85 -33.64 2.97
N LYS A 99 18.19 -34.76 2.34
CA LYS A 99 17.42 -35.30 1.21
C LYS A 99 16.00 -35.68 1.62
N LYS A 100 15.77 -36.13 2.84
CA LYS A 100 14.42 -36.44 3.25
C LYS A 100 13.51 -35.21 3.11
N TRP A 101 13.95 -34.08 3.66
CA TRP A 101 13.22 -32.84 3.51
C TRP A 101 13.16 -32.41 2.03
N LYS A 102 14.32 -32.33 1.37
CA LYS A 102 14.43 -31.81 0.00
C LYS A 102 13.43 -32.47 -0.93
N GLU A 103 13.26 -33.78 -0.75
CA GLU A 103 12.50 -34.61 -1.68
C GLU A 103 11.05 -34.70 -1.34
N ILE A 104 10.70 -34.69 -0.07
CA ILE A 104 9.30 -34.70 0.31
C ILE A 104 8.69 -33.31 0.08
N ARG A 105 9.45 -32.27 0.34
CA ARG A 105 8.93 -30.93 0.20
C ARG A 105 8.67 -30.70 -1.27
N ARG A 106 9.60 -31.14 -2.11
CA ARG A 106 9.46 -31.00 -3.55
C ARG A 106 8.20 -31.74 -4.00
N PHE A 107 8.01 -32.94 -3.51
CA PHE A 107 6.84 -33.73 -3.89
C PHE A 107 5.56 -33.01 -3.53
N SER A 108 5.54 -32.45 -2.33
CA SER A 108 4.34 -31.87 -1.76
C SER A 108 3.89 -30.62 -2.51
N LEU A 109 4.82 -29.77 -2.89
CA LEU A 109 4.52 -28.58 -3.68
C LEU A 109 3.90 -28.92 -5.03
N MET A 110 4.47 -29.96 -5.65
CA MET A 110 3.95 -30.54 -6.87
C MET A 110 2.47 -30.82 -6.72
N THR A 111 2.10 -31.55 -5.67
CA THR A 111 0.72 -31.97 -5.53
C THR A 111 -0.18 -30.86 -4.97
N LEU A 112 0.41 -29.81 -4.41
CA LEU A 112 -0.36 -28.71 -3.87
C LEU A 112 -0.66 -27.63 -4.90
N ARG A 113 -0.10 -27.75 -6.10
CA ARG A 113 -0.44 -26.83 -7.20
C ARG A 113 -1.92 -26.99 -7.46
N ASN A 114 -2.53 -25.94 -8.00
CA ASN A 114 -3.96 -25.93 -8.22
C ASN A 114 -4.46 -27.19 -8.95
N PHE A 115 -3.82 -27.50 -10.08
CA PHE A 115 -4.21 -28.69 -10.86
C PHE A 115 -3.09 -29.72 -10.78
N GLY A 116 -2.72 -30.11 -9.58
CA GLY A 116 -1.55 -30.95 -9.39
C GLY A 116 -1.87 -32.38 -9.08
N MET A 117 -3.14 -32.76 -9.05
CA MET A 117 -3.55 -34.12 -8.68
C MET A 117 -5.03 -34.39 -8.96
N GLY A 118 -5.33 -34.67 -10.22
CA GLY A 118 -6.65 -35.11 -10.57
C GLY A 118 -7.42 -34.05 -11.31
N LYS A 119 -8.71 -34.32 -11.44
CA LYS A 119 -9.61 -33.44 -12.17
C LYS A 119 -9.99 -32.25 -11.30
N ARG A 120 -10.04 -32.47 -9.98
CA ARG A 120 -10.47 -31.46 -9.01
C ARG A 120 -9.32 -30.53 -8.61
N SER A 121 -9.54 -29.24 -8.70
CA SER A 121 -8.50 -28.28 -8.33
C SER A 121 -8.54 -27.97 -6.84
N ILE A 122 -7.40 -27.53 -6.33
CA ILE A 122 -7.36 -26.97 -4.99
C ILE A 122 -8.44 -25.90 -4.84
N GLU A 123 -8.61 -25.07 -5.86
CA GLU A 123 -9.53 -23.95 -5.75
C GLU A 123 -10.92 -24.43 -5.55
N ASP A 124 -11.31 -25.48 -6.26
CA ASP A 124 -12.65 -25.98 -6.14
C ASP A 124 -12.91 -26.58 -4.77
N ARG A 125 -11.89 -27.19 -4.21
CA ARG A 125 -11.94 -27.61 -2.84
C ARG A 125 -12.21 -26.39 -1.93
N VAL A 126 -11.40 -25.35 -2.05
CA VAL A 126 -11.57 -24.20 -1.16
C VAL A 126 -12.95 -23.53 -1.36
N GLN A 127 -13.42 -23.41 -2.60
CA GLN A 127 -14.77 -22.87 -2.86
C GLN A 127 -15.92 -23.70 -2.24
N GLU A 128 -15.82 -25.02 -2.32
CA GLU A 128 -16.82 -25.90 -1.69
C GLU A 128 -16.86 -25.64 -0.21
N GLU A 129 -15.69 -25.57 0.40
CA GLU A 129 -15.61 -25.21 1.81
C GLU A 129 -16.22 -23.82 2.12
N ALA A 130 -15.98 -22.84 1.25
CA ALA A 130 -16.45 -21.50 1.50
C ALA A 130 -17.96 -21.49 1.63
N ARG A 131 -18.69 -22.06 0.65
CA ARG A 131 -20.17 -22.11 0.81
C ARG A 131 -20.70 -23.01 1.96
N CYS A 132 -19.94 -23.99 2.45
CA CYS A 132 -20.33 -24.71 3.68
C CYS A 132 -20.08 -23.89 4.91
N LEU A 133 -18.97 -23.15 4.90
CA LEU A 133 -18.64 -22.22 5.97
C LEU A 133 -19.78 -21.24 6.16
N VAL A 134 -20.31 -20.76 5.03
CA VAL A 134 -21.41 -19.81 4.99
C VAL A 134 -22.72 -20.44 5.47
N GLU A 135 -22.98 -21.67 5.04
CA GLU A 135 -24.16 -22.39 5.52
C GLU A 135 -24.14 -22.57 7.04
N GLU A 136 -23.00 -22.94 7.60
CA GLU A 136 -22.89 -23.15 9.06
C GLU A 136 -22.99 -21.86 9.84
N LEU A 137 -22.57 -20.75 9.25
CA LEU A 137 -22.66 -19.47 9.92
C LEU A 137 -24.11 -19.01 9.86
N ARG A 138 -24.83 -19.55 8.88
CA ARG A 138 -26.25 -19.27 8.73
C ARG A 138 -27.07 -20.04 9.74
N LYS A 139 -26.53 -21.16 10.21
CA LYS A 139 -27.14 -21.90 11.31
C LYS A 139 -27.13 -21.07 12.59
N THR A 140 -26.14 -20.18 12.76
CA THR A 140 -26.06 -19.39 14.01
C THR A 140 -27.21 -18.42 14.22
N LYS A 141 -28.09 -18.24 13.24
CA LYS A 141 -29.36 -17.52 13.44
C LYS A 141 -29.16 -16.09 13.97
N ALA A 142 -28.10 -15.43 13.52
CA ALA A 142 -27.86 -14.01 13.82
C ALA A 142 -27.76 -13.73 15.31
N SER A 143 -27.24 -14.69 16.06
CA SER A 143 -27.16 -14.59 17.50
C SER A 143 -25.72 -14.68 17.92
N PRO A 144 -25.36 -14.03 19.03
CA PRO A 144 -23.96 -14.00 19.47
C PRO A 144 -23.32 -15.37 19.43
N CYS A 145 -22.06 -15.40 19.03
CA CYS A 145 -21.33 -16.65 18.91
C CYS A 145 -19.82 -16.43 18.87
N ASP A 146 -19.11 -17.41 19.38
CA ASP A 146 -17.66 -17.42 19.35
C ASP A 146 -17.28 -18.20 18.08
N PRO A 147 -16.69 -17.54 17.08
CA PRO A 147 -16.43 -18.19 15.80
C PRO A 147 -15.24 -19.14 15.85
N THR A 148 -14.55 -19.23 16.98
CA THR A 148 -13.31 -20.03 17.08
C THR A 148 -13.42 -21.41 16.46
N PHE A 149 -14.56 -22.06 16.70
CA PHE A 149 -14.73 -23.45 16.32
C PHE A 149 -15.06 -23.56 14.83
N ILE A 150 -16.11 -22.85 14.40
CA ILE A 150 -16.50 -22.90 12.99
C ILE A 150 -15.34 -22.51 12.03
N LEU A 151 -14.70 -21.38 12.25
CA LEU A 151 -13.48 -21.02 11.52
C LEU A 151 -12.37 -22.04 11.61
N GLY A 152 -12.26 -22.73 12.75
CA GLY A 152 -11.26 -23.79 12.89
C GLY A 152 -11.51 -24.97 11.96
N CYS A 153 -12.79 -25.30 11.73
CA CYS A 153 -13.18 -26.48 10.93
C CYS A 153 -12.90 -26.32 9.44
N ALA A 154 -13.15 -25.12 8.90
CA ALA A 154 -12.99 -24.91 7.47
C ALA A 154 -11.56 -25.20 6.93
N PRO A 155 -10.48 -24.67 7.50
CA PRO A 155 -9.13 -24.98 7.05
C PRO A 155 -8.77 -26.46 7.25
N CYS A 156 -9.15 -27.02 8.40
CA CYS A 156 -8.87 -28.43 8.66
C CYS A 156 -9.52 -29.28 7.56
N ASN A 157 -10.76 -28.93 7.21
CA ASN A 157 -11.52 -29.64 6.19
C ASN A 157 -10.98 -29.53 4.76
N VAL A 158 -10.28 -28.44 4.48
CA VAL A 158 -9.61 -28.28 3.20
C VAL A 158 -8.47 -29.26 3.09
N ILE A 159 -7.78 -29.44 4.21
CA ILE A 159 -6.70 -30.42 4.26
C ILE A 159 -7.30 -31.84 4.22
N CYS A 160 -8.39 -32.10 4.95
CA CYS A 160 -9.12 -33.38 4.81
C CYS A 160 -9.43 -33.68 3.35
N SER A 161 -9.95 -32.70 2.62
CA SER A 161 -10.33 -32.92 1.23
C SER A 161 -9.09 -33.09 0.36
N ILE A 162 -7.99 -32.45 0.70
CA ILE A 162 -6.78 -32.54 -0.12
C ILE A 162 -6.11 -33.90 0.07
N ILE A 163 -6.17 -34.44 1.28
CA ILE A 163 -5.48 -35.67 1.64
C ILE A 163 -6.37 -36.89 1.33
N PHE A 164 -7.68 -36.74 1.52
CA PHE A 164 -8.66 -37.82 1.39
C PHE A 164 -9.68 -37.68 0.21
N HIS A 165 -9.46 -36.77 -0.72
CA HIS A 165 -10.43 -36.42 -1.80
C HIS A 165 -11.80 -35.88 -1.43
N LYS A 166 -12.13 -35.83 -0.15
CA LYS A 166 -13.53 -35.75 0.20
C LYS A 166 -13.63 -35.16 1.59
N ARG A 167 -14.18 -33.96 1.66
CA ARG A 167 -14.44 -33.33 2.92
C ARG A 167 -15.45 -34.16 3.73
N PHE A 168 -15.52 -33.84 5.02
CA PHE A 168 -16.47 -34.43 5.94
C PHE A 168 -17.49 -33.40 6.29
N ASP A 169 -18.75 -33.80 6.42
CA ASP A 169 -19.73 -32.95 7.12
C ASP A 169 -19.12 -32.59 8.48
N TYR A 170 -19.39 -31.39 8.99
CA TYR A 170 -18.79 -30.92 10.24
C TYR A 170 -19.31 -31.64 11.50
N LYS A 171 -20.29 -32.54 11.33
CA LYS A 171 -20.84 -33.34 12.42
C LYS A 171 -20.31 -34.80 12.36
N ASP A 172 -19.79 -35.19 11.21
CA ASP A 172 -19.05 -36.44 11.07
C ASP A 172 -18.11 -36.61 12.25
N GLN A 173 -18.20 -37.75 12.93
CA GLN A 173 -17.38 -38.00 14.11
C GLN A 173 -15.88 -38.24 13.79
N GLN A 174 -15.54 -38.76 12.61
CA GLN A 174 -14.14 -38.85 12.21
C GLN A 174 -13.53 -37.46 12.36
N PHE A 175 -14.24 -36.50 11.76
CA PHE A 175 -13.83 -35.11 11.67
C PHE A 175 -13.68 -34.45 13.02
N LEU A 176 -14.64 -34.62 13.90
CA LEU A 176 -14.58 -34.01 15.24
C LEU A 176 -13.44 -34.52 16.11
N ASN A 177 -13.02 -35.77 15.91
CA ASN A 177 -11.92 -36.40 16.66
C ASN A 177 -10.56 -35.86 16.24
N LEU A 178 -10.42 -35.71 14.94
CA LEU A 178 -9.26 -35.11 14.34
C LEU A 178 -9.19 -33.65 14.80
N MET A 179 -10.34 -33.02 14.87
CA MET A 179 -10.43 -31.60 15.26
C MET A 179 -10.06 -31.46 16.72
N GLU A 180 -10.65 -32.30 17.56
CA GLU A 180 -10.38 -32.31 19.00
C GLU A 180 -8.89 -32.54 19.31
N LYS A 181 -8.27 -33.37 18.49
CA LYS A 181 -6.90 -33.81 18.69
C LYS A 181 -5.97 -32.66 18.28
N LEU A 182 -6.35 -31.94 17.22
CA LEU A 182 -5.51 -30.86 16.69
C LEU A 182 -5.53 -29.65 17.61
N ASN A 183 -6.72 -29.35 18.15
CA ASN A 183 -6.95 -28.20 19.03
C ASN A 183 -6.29 -28.38 20.37
N GLU A 184 -6.26 -29.62 20.87
CA GLU A 184 -5.60 -29.91 22.15
C GLU A 184 -4.10 -29.70 22.04
N ASN A 185 -3.53 -30.12 20.93
CA ASN A 185 -2.12 -29.82 20.65
C ASN A 185 -1.80 -28.32 20.63
N ILE A 186 -2.72 -27.51 20.14
CA ILE A 186 -2.57 -26.06 20.12
C ILE A 186 -2.66 -25.42 21.52
N GLU A 187 -3.47 -26.01 22.39
CA GLU A 187 -3.65 -25.58 23.78
C GLU A 187 -2.43 -25.92 24.63
N ILE A 188 -2.00 -27.17 24.57
CA ILE A 188 -0.78 -27.59 25.24
C ILE A 188 0.37 -26.68 24.78
N LEU A 189 0.46 -26.45 23.46
CA LEU A 189 1.59 -25.75 22.88
C LEU A 189 1.58 -24.23 23.13
N SER A 190 0.46 -23.69 23.60
CA SER A 190 0.33 -22.26 23.87
C SER A 190 0.49 -21.86 25.35
N SER A 191 0.73 -22.87 26.20
CA SER A 191 0.99 -22.65 27.63
C SER A 191 2.34 -21.96 27.78
N PRO A 192 2.38 -20.85 28.51
CA PRO A 192 3.62 -20.08 28.72
C PRO A 192 4.81 -20.89 29.20
N TRP A 193 4.58 -21.94 29.95
CA TRP A 193 5.73 -22.66 30.47
C TRP A 193 6.27 -23.75 29.49
N ILE A 194 6.06 -23.52 28.18
CA ILE A 194 6.70 -24.26 27.09
C ILE A 194 8.09 -23.71 26.78
N GLN A 195 8.29 -22.40 26.94
CA GLN A 195 9.64 -21.87 26.79
C GLN A 195 10.50 -22.20 28.02
N VAL A 196 9.86 -22.59 29.12
CA VAL A 196 10.61 -23.08 30.28
C VAL A 196 11.28 -24.40 29.95
N TYR A 197 10.66 -25.22 29.13
CA TYR A 197 11.27 -26.48 28.73
C TYR A 197 12.49 -26.24 27.87
N ASN A 198 12.41 -25.29 26.93
CA ASN A 198 13.50 -25.03 26.00
C ASN A 198 14.70 -24.38 26.67
N ASN A 199 14.46 -23.72 27.79
CA ASN A 199 15.55 -23.16 28.58
C ASN A 199 16.18 -24.23 29.47
N PHE A 200 15.36 -25.00 30.18
CA PHE A 200 15.83 -26.09 31.04
C PHE A 200 15.26 -27.43 30.63
N PRO A 201 15.82 -28.06 29.59
CA PRO A 201 15.30 -29.33 29.10
C PRO A 201 15.26 -30.47 30.14
N ALA A 202 16.11 -30.44 31.15
CA ALA A 202 16.02 -31.37 32.28
C ALA A 202 14.60 -31.54 32.80
N LEU A 203 13.85 -30.45 32.85
CA LEU A 203 12.46 -30.47 33.29
C LEU A 203 11.50 -31.31 32.45
N LEU A 204 11.89 -31.67 31.23
CA LEU A 204 11.03 -32.54 30.42
C LEU A 204 10.81 -33.87 31.13
N ASP A 205 11.89 -34.44 31.70
CA ASP A 205 11.80 -35.67 32.50
C ASP A 205 10.98 -35.49 33.79
N TYR A 206 11.20 -34.40 34.52
CA TYR A 206 10.48 -34.15 35.79
C TYR A 206 8.99 -33.75 35.60
N PHE A 207 8.63 -33.36 34.37
CA PHE A 207 7.24 -32.99 34.02
C PHE A 207 6.86 -33.49 32.62
N PRO A 208 6.81 -34.79 32.43
CA PRO A 208 6.60 -35.33 31.07
C PRO A 208 5.14 -35.23 30.57
N GLY A 209 4.19 -34.77 31.39
CA GLY A 209 2.82 -34.57 30.93
C GLY A 209 2.75 -33.96 29.53
N THR A 210 3.35 -32.79 29.37
CA THR A 210 3.52 -32.18 28.04
C THR A 210 4.53 -33.00 27.30
N HIS A 211 4.24 -33.35 26.06
CA HIS A 211 5.12 -34.18 25.23
C HIS A 211 4.61 -35.61 25.21
N ASN A 212 4.16 -36.14 26.33
CA ASN A 212 3.43 -37.42 26.33
C ASN A 212 2.03 -37.23 25.74
N LYS A 213 1.41 -36.10 26.02
CA LYS A 213 0.08 -35.81 25.49
C LYS A 213 0.19 -35.47 24.00
N LEU A 214 1.27 -34.79 23.64
CA LEU A 214 1.55 -34.49 22.24
C LEU A 214 1.83 -35.76 21.48
N LEU A 215 2.57 -36.68 22.09
CA LEU A 215 2.99 -37.92 21.42
C LEU A 215 1.82 -38.86 21.23
N LYS A 216 0.86 -38.78 22.14
CA LYS A 216 -0.28 -39.66 22.17
C LYS A 216 -1.24 -39.18 21.09
N ASN A 217 -1.39 -37.86 20.98
CA ASN A 217 -2.29 -37.22 20.01
C ASN A 217 -1.80 -37.38 18.58
N VAL A 218 -0.51 -37.21 18.38
CA VAL A 218 0.06 -37.41 17.08
C VAL A 218 -0.16 -38.87 16.68
N ALA A 219 0.03 -39.80 17.61
CA ALA A 219 0.00 -41.22 17.24
C ALA A 219 -1.43 -41.63 16.96
N PHE A 220 -2.39 -40.98 17.62
CA PHE A 220 -3.81 -41.18 17.32
C PHE A 220 -4.10 -40.79 15.89
N MET A 221 -3.61 -39.61 15.52
CA MET A 221 -3.80 -39.06 14.20
C MET A 221 -3.09 -39.95 13.19
N LYS A 222 -1.87 -40.37 13.49
CA LYS A 222 -1.12 -41.25 12.60
C LYS A 222 -1.89 -42.56 12.29
N SER A 223 -2.58 -43.11 13.29
CA SER A 223 -3.37 -44.33 13.13
C SER A 223 -4.54 -44.12 12.20
N TYR A 224 -5.23 -43.02 12.44
CA TYR A 224 -6.42 -42.65 11.70
C TYR A 224 -6.07 -42.51 10.23
N ILE A 225 -4.99 -41.81 9.97
CA ILE A 225 -4.51 -41.63 8.63
C ILE A 225 -4.15 -42.96 8.03
N LEU A 226 -3.57 -43.86 8.82
CA LEU A 226 -3.15 -45.16 8.34
C LEU A 226 -4.34 -45.96 7.80
N GLU A 227 -5.47 -45.93 8.49
CA GLU A 227 -6.62 -46.69 8.07
C GLU A 227 -7.23 -46.02 6.84
N LYS A 228 -6.93 -44.74 6.67
CA LYS A 228 -7.30 -44.03 5.47
C LYS A 228 -6.47 -44.43 4.26
N VAL A 229 -5.16 -44.63 4.42
CA VAL A 229 -4.29 -44.99 3.31
C VAL A 229 -4.49 -46.47 2.93
N LYS A 230 -5.14 -47.20 3.83
CA LYS A 230 -5.44 -48.60 3.57
C LYS A 230 -6.61 -48.64 2.60
N GLU A 231 -7.71 -47.98 2.97
CA GLU A 231 -8.85 -47.78 2.06
C GLU A 231 -8.41 -47.27 0.69
N HIS A 232 -7.33 -46.49 0.67
CA HIS A 232 -6.79 -45.96 -0.58
C HIS A 232 -6.02 -47.02 -1.33
N GLN A 233 -5.12 -47.73 -0.65
CA GLN A 233 -4.34 -48.81 -1.27
C GLN A 233 -5.25 -49.85 -1.93
N GLU A 234 -6.46 -49.96 -1.41
CA GLU A 234 -7.42 -50.94 -1.88
C GLU A 234 -8.07 -50.46 -3.18
N SER A 235 -8.66 -49.27 -3.13
CA SER A 235 -9.46 -48.76 -4.25
C SER A 235 -8.67 -47.88 -5.21
N MET A 236 -7.35 -47.94 -5.10
CA MET A 236 -6.52 -46.96 -5.77
C MET A 236 -6.44 -47.27 -7.24
N ASP A 237 -6.74 -46.27 -8.06
CA ASP A 237 -6.56 -46.37 -9.49
C ASP A 237 -5.31 -45.59 -9.88
N MET A 238 -4.26 -46.32 -10.24
CA MET A 238 -3.05 -45.73 -10.82
C MET A 238 -3.39 -45.15 -12.20
N ASN A 239 -2.61 -44.17 -12.67
CA ASN A 239 -2.98 -43.33 -13.83
C ASN A 239 -4.18 -42.40 -13.59
N ASN A 240 -4.74 -42.43 -12.38
CA ASN A 240 -5.90 -41.60 -12.02
C ASN A 240 -5.97 -41.20 -10.55
N PRO A 241 -4.88 -40.63 -10.04
CA PRO A 241 -4.81 -40.19 -8.65
C PRO A 241 -5.73 -38.99 -8.43
N GLN A 242 -6.35 -38.97 -7.26
CA GLN A 242 -7.34 -37.96 -6.91
C GLN A 242 -6.98 -37.13 -5.66
N ASP A 243 -6.06 -37.62 -4.82
CA ASP A 243 -5.63 -36.83 -3.66
C ASP A 243 -4.18 -37.08 -3.30
N PHE A 244 -3.77 -36.49 -2.16
CA PHE A 244 -2.40 -36.54 -1.70
C PHE A 244 -1.96 -37.96 -1.47
N ILE A 245 -2.75 -38.70 -0.71
CA ILE A 245 -2.44 -40.10 -0.45
C ILE A 245 -2.17 -40.88 -1.78
N ASP A 246 -3.11 -40.84 -2.74
CA ASP A 246 -2.95 -41.50 -4.04
C ASP A 246 -1.60 -41.17 -4.63
N CYS A 247 -1.27 -39.89 -4.77
CA CYS A 247 0.01 -39.49 -5.42
C CYS A 247 1.25 -39.98 -4.66
N PHE A 248 1.12 -40.11 -3.36
CA PHE A 248 2.22 -40.57 -2.55
C PHE A 248 2.36 -42.07 -2.79
N LEU A 249 1.24 -42.78 -2.77
CA LEU A 249 1.24 -44.24 -2.94
C LEU A 249 1.89 -44.60 -4.27
N MET A 250 1.57 -43.82 -5.30
CA MET A 250 2.07 -44.11 -6.62
C MET A 250 3.46 -43.52 -6.85
N LYS A 251 3.85 -42.57 -6.03
CA LYS A 251 5.25 -42.17 -5.98
C LYS A 251 6.08 -43.33 -5.39
N MET A 252 5.49 -44.11 -4.48
CA MET A 252 6.19 -45.23 -3.87
C MET A 252 6.46 -46.31 -4.90
N GLU A 253 5.53 -46.47 -5.84
CA GLU A 253 5.69 -47.43 -6.93
C GLU A 253 6.79 -47.02 -7.92
N LYS A 254 6.88 -45.74 -8.26
CA LYS A 254 7.93 -45.28 -9.17
C LYS A 254 9.30 -45.29 -8.47
N GLU A 255 9.30 -45.55 -7.17
CA GLU A 255 10.53 -45.64 -6.38
C GLU A 255 10.79 -47.04 -5.83
N LYS A 256 9.80 -47.94 -5.95
CA LYS A 256 9.90 -49.27 -5.33
C LYS A 256 11.14 -50.05 -5.76
N HIS A 257 11.73 -49.67 -6.89
CA HIS A 257 12.96 -50.31 -7.35
C HIS A 257 14.15 -49.77 -6.56
N ASN A 258 14.72 -48.61 -6.94
CA ASN A 258 15.85 -48.07 -6.15
C ASN A 258 15.39 -47.74 -4.72
N GLN A 259 15.65 -48.69 -3.82
CA GLN A 259 14.97 -48.80 -2.54
C GLN A 259 15.83 -48.51 -1.30
N PRO A 260 16.72 -47.50 -1.34
CA PRO A 260 16.99 -46.77 -0.10
C PRO A 260 15.65 -46.11 0.28
N SER A 261 15.21 -45.10 -0.49
CA SER A 261 13.81 -44.57 -0.53
C SER A 261 13.24 -43.74 0.64
N GLU A 262 12.89 -42.50 0.31
CA GLU A 262 12.38 -41.50 1.27
C GLU A 262 10.84 -41.55 1.45
N PHE A 263 10.14 -42.07 0.44
CA PHE A 263 8.69 -42.23 0.49
C PHE A 263 8.32 -43.60 0.96
N THR A 264 7.63 -43.66 2.09
CA THR A 264 7.21 -44.87 2.75
C THR A 264 5.88 -44.59 3.46
N ILE A 265 5.27 -45.61 4.03
CA ILE A 265 4.02 -45.41 4.75
C ILE A 265 4.32 -44.58 5.98
N GLU A 266 5.43 -44.83 6.68
CA GLU A 266 5.80 -44.00 7.82
C GLU A 266 5.77 -42.51 7.39
N SER A 267 6.51 -42.17 6.34
CA SER A 267 6.72 -40.76 5.97
C SER A 267 5.49 -40.06 5.41
N LEU A 268 4.54 -40.85 4.91
CA LEU A 268 3.28 -40.32 4.42
C LEU A 268 2.43 -39.96 5.63
N GLU A 269 2.40 -40.83 6.64
CA GLU A 269 1.69 -40.54 7.89
C GLU A 269 2.23 -39.26 8.50
N ASN A 270 3.56 -39.10 8.42
CA ASN A 270 4.27 -38.00 9.05
C ASN A 270 4.02 -36.71 8.30
N THR A 271 4.03 -36.80 6.97
CA THR A 271 3.78 -35.63 6.15
C THR A 271 2.32 -35.23 6.29
N ALA A 272 1.45 -36.22 6.40
CA ALA A 272 0.05 -35.95 6.61
C ALA A 272 -0.20 -35.21 7.92
N VAL A 273 0.38 -35.62 9.05
CA VAL A 273 0.07 -34.96 10.32
C VAL A 273 0.57 -33.54 10.29
N ASP A 274 1.74 -33.33 9.68
CA ASP A 274 2.33 -32.00 9.48
C ASP A 274 1.38 -31.06 8.73
N LEU A 275 0.98 -31.46 7.52
CA LEU A 275 0.02 -30.70 6.75
C LEU A 275 -1.17 -30.31 7.61
N PHE A 276 -1.73 -31.26 8.36
CA PHE A 276 -2.88 -30.93 9.25
C PHE A 276 -2.52 -29.90 10.31
N GLY A 277 -1.31 -30.00 10.85
CA GLY A 277 -0.92 -29.16 11.97
C GLY A 277 -0.53 -27.77 11.51
N ALA A 278 0.34 -27.76 10.49
CA ALA A 278 0.75 -26.54 9.79
C ALA A 278 -0.36 -25.86 8.99
N GLY A 279 -1.41 -26.58 8.66
CA GLY A 279 -2.45 -26.09 7.74
C GLY A 279 -3.75 -25.67 8.39
N THR A 280 -3.83 -25.87 9.70
CA THR A 280 -5.02 -25.58 10.46
C THR A 280 -4.89 -24.35 11.37
N GLU A 281 -3.98 -24.43 12.34
CA GLU A 281 -3.92 -23.47 13.43
C GLU A 281 -3.76 -22.02 12.93
N THR A 282 -2.74 -21.78 12.09
CA THR A 282 -2.43 -20.45 11.59
C THR A 282 -3.51 -19.82 10.72
N THR A 283 -4.01 -20.57 9.74
CA THR A 283 -5.14 -20.11 8.92
C THR A 283 -6.38 -19.77 9.78
N SER A 284 -6.65 -20.66 10.75
CA SER A 284 -7.80 -20.53 11.60
C SER A 284 -7.71 -19.20 12.36
N THR A 285 -6.53 -18.94 12.92
CA THR A 285 -6.34 -17.81 13.80
C THR A 285 -6.35 -16.54 12.96
N THR A 286 -5.84 -16.65 11.74
CA THR A 286 -5.74 -15.49 10.87
C THR A 286 -7.14 -15.06 10.53
N LEU A 287 -8.01 -16.03 10.27
CA LEU A 287 -9.41 -15.72 9.94
C LEU A 287 -10.14 -15.17 11.12
N ARG A 288 -9.87 -15.72 12.30
CA ARG A 288 -10.59 -15.32 13.51
C ARG A 288 -10.18 -13.85 13.79
N TYR A 289 -8.88 -13.58 13.57
CA TYR A 289 -8.33 -12.26 13.84
C TYR A 289 -8.83 -11.29 12.78
N ALA A 290 -8.98 -11.78 11.54
CA ALA A 290 -9.51 -10.95 10.47
C ALA A 290 -10.87 -10.43 10.88
N LEU A 291 -11.79 -11.33 11.25
CA LEU A 291 -13.13 -10.89 11.65
C LEU A 291 -13.10 -9.93 12.86
N LEU A 292 -12.22 -10.14 13.80
CA LEU A 292 -12.12 -9.24 14.93
C LEU A 292 -11.82 -7.82 14.47
N LEU A 293 -10.87 -7.70 13.57
CA LEU A 293 -10.44 -6.42 13.03
C LEU A 293 -11.53 -5.81 12.16
N LEU A 294 -12.27 -6.64 11.46
CA LEU A 294 -13.37 -6.14 10.62
C LEU A 294 -14.51 -5.60 11.49
N LEU A 295 -14.62 -6.09 12.73
CA LEU A 295 -15.58 -5.57 13.70
C LEU A 295 -15.14 -4.21 14.21
N LYS A 296 -13.86 -4.12 14.58
CA LYS A 296 -13.26 -2.94 15.18
C LYS A 296 -13.30 -1.77 14.18
N HIS A 297 -13.04 -2.08 12.91
CA HIS A 297 -12.97 -1.10 11.82
C HIS A 297 -14.10 -1.31 10.77
N PRO A 298 -15.33 -0.88 11.05
CA PRO A 298 -16.43 -1.10 10.11
C PRO A 298 -16.33 -0.29 8.81
N GLU A 299 -15.67 0.86 8.81
CA GLU A 299 -15.40 1.61 7.58
C GLU A 299 -14.70 0.71 6.58
N VAL A 300 -13.72 -0.05 7.09
CA VAL A 300 -12.94 -0.99 6.28
C VAL A 300 -13.80 -2.10 5.73
N THR A 301 -14.71 -2.58 6.57
CA THR A 301 -15.64 -3.63 6.18
C THR A 301 -16.61 -3.16 5.08
N ALA A 302 -17.27 -2.03 5.33
CA ALA A 302 -18.08 -1.35 4.32
C ALA A 302 -17.37 -1.19 2.99
N LYS A 303 -16.08 -0.81 3.02
CA LYS A 303 -15.34 -0.65 1.77
C LYS A 303 -15.11 -1.97 1.06
N VAL A 304 -14.85 -3.04 1.82
CA VAL A 304 -14.66 -4.38 1.23
C VAL A 304 -15.96 -4.85 0.57
N GLN A 305 -17.09 -4.60 1.23
CA GLN A 305 -18.39 -4.98 0.67
C GLN A 305 -18.76 -4.22 -0.61
N GLU A 306 -18.34 -2.96 -0.76
CA GLU A 306 -18.56 -2.25 -2.04
C GLU A 306 -17.84 -2.98 -3.18
N GLU A 307 -16.62 -3.43 -2.91
CA GLU A 307 -15.83 -4.14 -3.92
C GLU A 307 -16.45 -5.50 -4.27
N ILE A 308 -17.07 -6.13 -3.29
CA ILE A 308 -17.70 -7.41 -3.48
C ILE A 308 -18.94 -7.22 -4.37
N GLU A 309 -19.79 -6.22 -4.09
CA GLU A 309 -21.02 -6.03 -4.88
C GLU A 309 -20.71 -5.66 -6.30
N ARG A 310 -19.66 -4.88 -6.45
CA ARG A 310 -19.26 -4.39 -7.74
C ARG A 310 -18.61 -5.47 -8.57
N VAL A 311 -17.69 -6.22 -8.00
CA VAL A 311 -16.88 -7.15 -8.81
C VAL A 311 -17.50 -8.53 -8.99
N ILE A 312 -18.09 -8.98 -7.90
CA ILE A 312 -18.74 -10.25 -7.76
C ILE A 312 -20.17 -9.83 -7.50
N GLY A 313 -21.16 -10.59 -7.87
CA GLY A 313 -22.47 -10.11 -7.50
C GLY A 313 -22.80 -10.44 -6.06
N ARG A 314 -24.10 -10.44 -5.77
CA ARG A 314 -24.61 -11.14 -4.62
C ARG A 314 -24.94 -12.58 -5.05
N ASN A 315 -25.14 -12.80 -6.34
CA ASN A 315 -25.49 -14.13 -6.83
C ASN A 315 -24.32 -15.11 -6.69
N ARG A 316 -23.43 -15.20 -7.68
CA ARG A 316 -22.35 -16.19 -7.68
C ARG A 316 -21.33 -16.09 -6.53
N SER A 317 -20.41 -17.05 -6.53
CA SER A 317 -19.51 -17.17 -5.41
C SER A 317 -18.20 -16.59 -5.89
N PRO A 318 -17.37 -16.12 -4.95
CA PRO A 318 -16.08 -15.57 -5.30
C PRO A 318 -15.21 -16.63 -5.85
N CYS A 319 -14.11 -16.22 -6.48
CA CYS A 319 -13.10 -17.11 -6.98
C CYS A 319 -11.81 -16.31 -7.14
N MET A 320 -10.73 -16.96 -7.51
CA MET A 320 -9.43 -16.30 -7.43
C MET A 320 -9.23 -15.22 -8.49
N GLN A 321 -9.83 -15.41 -9.65
CA GLN A 321 -9.73 -14.40 -10.71
C GLN A 321 -10.28 -13.05 -10.28
N ASP A 322 -11.20 -13.04 -9.33
CA ASP A 322 -11.75 -11.78 -8.84
C ASP A 322 -10.79 -10.92 -8.03
N ARG A 323 -9.66 -11.50 -7.62
CA ARG A 323 -8.84 -10.83 -6.64
C ARG A 323 -8.02 -9.71 -7.27
N SER A 324 -7.54 -9.92 -8.49
CA SER A 324 -6.86 -8.85 -9.21
C SER A 324 -7.72 -7.59 -9.39
N HIS A 325 -9.04 -7.75 -9.47
CA HIS A 325 -9.96 -6.62 -9.61
C HIS A 325 -10.48 -6.11 -8.27
N MET A 326 -9.92 -6.58 -7.15
CA MET A 326 -10.36 -6.15 -5.82
C MET A 326 -9.21 -5.73 -4.88
N PRO A 327 -8.54 -4.63 -5.22
CA PRO A 327 -7.30 -4.24 -4.53
C PRO A 327 -7.48 -3.94 -3.06
N TYR A 328 -8.51 -3.18 -2.70
CA TYR A 328 -8.83 -2.93 -1.29
C TYR A 328 -8.94 -4.20 -0.43
N THR A 329 -9.55 -5.25 -0.97
CA THR A 329 -9.78 -6.48 -0.24
C THR A 329 -8.48 -7.25 -0.14
N ASP A 330 -7.70 -7.21 -1.21
CA ASP A 330 -6.36 -7.76 -1.21
C ASP A 330 -5.46 -7.03 -0.19
N ALA A 331 -5.72 -5.76 0.04
CA ALA A 331 -4.94 -4.99 0.98
C ALA A 331 -5.32 -5.34 2.41
N VAL A 332 -6.62 -5.38 2.68
CA VAL A 332 -7.12 -5.83 3.98
C VAL A 332 -6.52 -7.20 4.37
N VAL A 333 -6.55 -8.17 3.45
CA VAL A 333 -6.04 -9.50 3.75
C VAL A 333 -4.54 -9.44 4.09
N HIS A 334 -3.84 -8.74 3.23
CA HIS A 334 -2.41 -8.53 3.36
C HIS A 334 -2.12 -7.87 4.74
N GLU A 335 -2.95 -6.90 5.12
CA GLU A 335 -2.69 -6.09 6.30
C GLU A 335 -3.10 -6.79 7.59
N VAL A 336 -4.07 -7.69 7.55
CA VAL A 336 -4.30 -8.56 8.67
C VAL A 336 -3.04 -9.41 8.90
N GLN A 337 -2.49 -10.03 7.88
CA GLN A 337 -1.42 -10.96 8.14
C GLN A 337 -0.20 -10.25 8.73
N ARG A 338 0.07 -9.05 8.27
CA ARG A 338 1.27 -8.29 8.68
C ARG A 338 1.09 -7.75 10.10
N TYR A 339 -0.07 -7.17 10.37
CA TYR A 339 -0.34 -6.59 11.69
C TYR A 339 -0.18 -7.63 12.78
N ILE A 340 -0.88 -8.77 12.62
CA ILE A 340 -1.03 -9.79 13.68
C ILE A 340 0.23 -10.63 13.98
N ASP A 341 1.14 -10.72 13.01
CA ASP A 341 2.47 -11.31 13.20
C ASP A 341 2.43 -12.60 14.05
N LEU A 342 1.76 -13.61 13.53
CA LEU A 342 1.37 -14.85 14.25
C LEU A 342 2.55 -15.79 14.55
N LEU A 343 3.60 -15.68 13.74
CA LEU A 343 4.83 -16.42 13.93
C LEU A 343 6.01 -15.46 13.97
N PRO A 344 6.17 -14.75 15.09
CA PRO A 344 7.17 -13.69 15.24
C PRO A 344 8.61 -14.07 14.93
N THR A 345 8.94 -15.36 15.09
CA THR A 345 10.26 -15.92 14.82
C THR A 345 10.12 -17.15 13.93
N SER A 346 9.31 -17.02 12.90
CA SER A 346 8.76 -18.12 12.16
C SER A 346 8.96 -19.46 12.88
N LEU A 347 9.70 -20.37 12.27
CA LEU A 347 10.08 -21.63 12.88
C LEU A 347 11.58 -21.60 12.87
N PRO A 348 12.21 -22.27 13.84
CA PRO A 348 13.63 -22.11 14.04
C PRO A 348 14.32 -22.71 12.87
N HIS A 349 15.29 -22.00 12.33
CA HIS A 349 16.13 -22.47 11.26
C HIS A 349 17.43 -23.03 11.84
N ALA A 350 18.33 -23.49 10.97
CA ALA A 350 19.62 -24.02 11.41
C ALA A 350 20.54 -24.10 10.21
N VAL A 351 21.81 -23.72 10.37
CA VAL A 351 22.73 -23.68 9.23
C VAL A 351 23.21 -25.05 8.78
N THR A 352 23.51 -25.14 7.49
CA THR A 352 23.85 -26.37 6.81
C THR A 352 25.34 -26.75 6.95
N CYS A 353 26.18 -25.75 7.22
CA CYS A 353 27.62 -25.96 7.45
C CYS A 353 28.26 -24.69 8.02
N ASP A 354 29.52 -24.81 8.41
CA ASP A 354 30.25 -23.68 9.00
C ASP A 354 30.27 -22.57 7.94
N ILE A 355 29.93 -21.34 8.37
CA ILE A 355 29.77 -20.24 7.43
C ILE A 355 29.98 -18.88 8.07
N LYS A 356 30.71 -18.01 7.39
CA LYS A 356 30.91 -16.65 7.86
C LYS A 356 29.74 -15.82 7.42
N PHE A 357 29.07 -15.17 8.35
CA PHE A 357 27.92 -14.35 8.00
C PHE A 357 28.09 -12.96 8.58
N ARG A 358 28.09 -11.93 7.72
CA ARG A 358 28.42 -10.55 8.09
C ARG A 358 29.73 -10.55 8.91
N ASN A 359 30.70 -11.32 8.42
CA ASN A 359 31.97 -11.51 9.09
C ASN A 359 31.86 -12.05 10.54
N TYR A 360 31.10 -13.13 10.79
CA TYR A 360 30.89 -13.63 12.18
C TYR A 360 31.21 -15.10 12.50
N LEU A 361 31.32 -15.96 11.48
CA LEU A 361 31.55 -17.41 11.67
C LEU A 361 30.46 -18.08 12.52
N ILE A 362 29.61 -18.85 11.86
CA ILE A 362 28.50 -19.53 12.51
C ILE A 362 28.61 -21.00 12.16
N PRO A 363 28.89 -21.82 13.15
CA PRO A 363 29.17 -23.25 12.92
C PRO A 363 27.94 -24.08 12.53
N LYS A 364 28.17 -25.10 11.71
CA LYS A 364 27.15 -26.05 11.24
C LYS A 364 26.19 -26.48 12.34
N GLY A 365 24.90 -26.43 12.03
CA GLY A 365 23.87 -26.91 12.93
C GLY A 365 23.53 -25.96 14.05
N THR A 366 24.12 -24.78 14.05
CA THR A 366 23.74 -23.73 14.99
C THR A 366 22.35 -23.26 14.68
N THR A 367 21.50 -23.24 15.68
CA THR A 367 20.14 -22.79 15.51
C THR A 367 20.03 -21.28 15.26
N ILE A 368 19.17 -20.91 14.31
CA ILE A 368 18.92 -19.53 13.88
C ILE A 368 17.46 -19.17 14.14
N LEU A 369 17.20 -18.04 14.81
CA LEU A 369 15.86 -17.47 14.85
C LEU A 369 15.76 -16.25 13.93
N ILE A 370 14.97 -16.39 12.88
CA ILE A 370 14.60 -15.30 11.99
C ILE A 370 13.53 -14.50 12.71
N SER A 371 13.73 -13.19 12.90
CA SER A 371 12.66 -12.36 13.45
C SER A 371 11.76 -11.87 12.34
N LEU A 372 10.69 -12.59 12.04
CA LEU A 372 9.71 -12.07 11.10
C LEU A 372 9.06 -10.74 11.55
N THR A 373 8.92 -10.50 12.85
CA THR A 373 8.31 -9.24 13.35
C THR A 373 9.07 -8.02 12.84
N SER A 374 10.38 -8.13 12.80
CA SER A 374 11.21 -7.00 12.51
C SER A 374 11.01 -6.56 11.07
N VAL A 375 10.69 -7.52 10.21
CA VAL A 375 10.40 -7.27 8.81
C VAL A 375 8.96 -6.78 8.61
N LEU A 376 8.00 -7.49 9.21
CA LEU A 376 6.56 -7.17 9.11
C LEU A 376 6.20 -5.85 9.76
N HIS A 377 6.98 -5.42 10.72
CA HIS A 377 6.65 -4.21 11.49
C HIS A 377 7.79 -3.21 11.40
N ASP A 378 8.59 -3.33 10.34
CA ASP A 378 9.58 -2.34 9.95
C ASP A 378 9.00 -0.94 10.00
N ASN A 379 9.62 -0.07 10.80
CA ASN A 379 9.14 1.29 11.03
C ASN A 379 9.04 2.13 9.76
N LYS A 380 9.84 1.82 8.77
CA LYS A 380 10.00 2.71 7.66
C LYS A 380 9.06 2.29 6.56
N GLU A 381 9.03 0.99 6.22
CA GLU A 381 8.12 0.52 5.17
C GLU A 381 6.66 0.67 5.59
N PHE A 382 6.37 0.46 6.87
CA PHE A 382 5.02 0.54 7.40
C PHE A 382 4.97 1.59 8.53
N PRO A 383 4.75 2.86 8.19
CA PRO A 383 4.92 3.97 9.13
C PRO A 383 4.27 3.88 10.49
N ASN A 384 3.08 3.32 10.65
CA ASN A 384 2.59 3.10 12.02
C ASN A 384 2.40 1.63 12.21
N PRO A 385 3.50 0.92 12.45
CA PRO A 385 3.52 -0.52 12.19
C PRO A 385 2.67 -1.30 13.16
N GLU A 386 2.36 -0.74 14.33
CA GLU A 386 1.59 -1.45 15.36
C GLU A 386 0.12 -1.06 15.28
N MET A 387 -0.21 -0.43 14.15
CA MET A 387 -1.54 0.04 13.82
C MET A 387 -2.06 -0.68 12.57
N PHE A 388 -3.33 -1.04 12.62
CA PHE A 388 -3.99 -1.74 11.53
C PHE A 388 -4.47 -0.76 10.47
N ASP A 389 -3.88 -0.83 9.29
CA ASP A 389 -4.26 0.11 8.25
C ASP A 389 -4.01 -0.40 6.85
N PRO A 390 -5.08 -0.76 6.16
CA PRO A 390 -4.95 -1.32 4.80
C PRO A 390 -4.17 -0.44 3.83
N HIS A 391 -4.11 0.87 4.04
CA HIS A 391 -3.29 1.75 3.17
C HIS A 391 -1.84 1.41 3.16
N HIS A 392 -1.39 0.63 4.13
CA HIS A 392 -0.06 0.03 4.09
C HIS A 392 0.20 -0.74 2.80
N PHE A 393 -0.84 -1.25 2.16
CA PHE A 393 -0.70 -1.98 0.90
C PHE A 393 -1.54 -1.34 -0.25
N LEU A 394 -1.88 -0.06 -0.11
CA LEU A 394 -2.48 0.72 -1.21
C LEU A 394 -1.65 1.94 -1.64
N ASP A 395 -1.67 2.29 -2.94
CA ASP A 395 -1.11 3.57 -3.42
C ASP A 395 -2.19 4.65 -3.25
N GLU A 396 -1.88 5.87 -3.73
CA GLU A 396 -2.79 7.01 -3.59
C GLU A 396 -4.12 6.82 -4.35
N GLY A 397 -4.08 6.20 -5.53
CA GLY A 397 -5.31 5.70 -6.15
C GLY A 397 -5.74 4.53 -5.29
N GLY A 398 -6.74 3.78 -5.64
CA GLY A 398 -6.96 2.60 -4.81
C GLY A 398 -6.11 1.36 -5.11
N ASN A 399 -5.00 1.46 -5.82
CA ASN A 399 -4.34 0.26 -6.34
C ASN A 399 -3.47 -0.49 -5.35
N PHE A 400 -3.33 -1.80 -5.57
CA PHE A 400 -2.64 -2.68 -4.63
C PHE A 400 -1.17 -2.47 -4.76
N LYS A 401 -0.50 -2.37 -3.60
CA LYS A 401 0.92 -2.05 -3.51
C LYS A 401 1.72 -3.16 -2.79
N LYS A 402 2.45 -3.95 -3.57
CA LYS A 402 3.19 -5.07 -3.00
C LYS A 402 4.27 -4.51 -2.04
N SER A 403 4.70 -5.32 -1.07
CA SER A 403 5.94 -5.05 -0.34
C SER A 403 6.84 -6.26 -0.19
N LYS A 404 8.14 -6.06 -0.41
CA LYS A 404 9.09 -7.12 -0.17
C LYS A 404 9.26 -7.37 1.34
N TYR A 405 8.68 -6.53 2.16
CA TYR A 405 8.64 -6.70 3.61
C TYR A 405 7.40 -7.49 4.05
N PHE A 406 6.66 -8.06 3.11
CA PHE A 406 5.53 -8.92 3.44
C PHE A 406 5.99 -10.36 3.44
N MET A 407 6.33 -10.86 4.63
CA MET A 407 6.93 -12.18 4.89
C MET A 407 6.24 -12.99 5.99
N PRO A 408 4.92 -12.99 6.08
CA PRO A 408 4.30 -13.73 7.18
C PRO A 408 4.42 -15.26 6.98
N PHE A 409 4.80 -15.65 5.77
CA PHE A 409 5.03 -17.03 5.37
C PHE A 409 6.55 -17.30 5.33
N SER A 410 7.31 -16.36 5.88
CA SER A 410 8.77 -16.38 5.80
C SER A 410 9.27 -16.23 4.36
N ALA A 411 10.43 -16.80 4.04
CA ALA A 411 11.10 -16.51 2.79
C ALA A 411 12.26 -17.47 2.51
N GLY A 412 12.58 -17.62 1.24
CA GLY A 412 13.65 -18.49 0.87
C GLY A 412 13.20 -19.92 0.76
N LYS A 413 14.17 -20.83 0.89
CA LYS A 413 13.96 -22.26 0.64
C LYS A 413 13.02 -23.03 1.59
N ARG A 414 12.66 -22.45 2.73
CA ARG A 414 11.77 -23.09 3.70
C ARG A 414 10.44 -22.36 3.78
N ILE A 415 10.17 -21.49 2.82
CA ILE A 415 8.92 -20.73 2.81
C ILE A 415 7.71 -21.67 2.92
N CYS A 416 6.71 -21.26 3.66
CA CYS A 416 5.50 -22.05 3.82
C CYS A 416 5.12 -22.77 2.55
N VAL A 417 4.90 -24.07 2.67
CA VAL A 417 4.53 -24.92 1.54
C VAL A 417 3.10 -24.55 1.07
N GLY A 418 2.34 -23.94 1.97
CA GLY A 418 0.97 -23.59 1.67
C GLY A 418 0.67 -22.13 1.45
N GLU A 419 1.66 -21.38 1.00
CA GLU A 419 1.45 -19.94 0.78
C GLU A 419 0.22 -19.72 -0.09
N ALA A 420 0.22 -20.34 -1.27
CA ALA A 420 -0.89 -20.17 -2.20
C ALA A 420 -2.20 -20.64 -1.61
N LEU A 421 -2.18 -21.77 -0.93
CA LEU A 421 -3.41 -22.36 -0.42
C LEU A 421 -4.06 -21.45 0.60
N ALA A 422 -3.25 -21.01 1.55
CA ALA A 422 -3.65 -20.01 2.52
C ALA A 422 -4.18 -18.72 1.89
N GLY A 423 -3.55 -18.24 0.83
CA GLY A 423 -4.06 -17.07 0.14
C GLY A 423 -5.45 -17.34 -0.38
N MET A 424 -5.66 -18.51 -0.99
CA MET A 424 -6.98 -18.89 -1.46
C MET A 424 -7.96 -18.96 -0.32
N GLU A 425 -7.57 -19.53 0.80
CA GLU A 425 -8.55 -19.73 1.87
C GLU A 425 -8.96 -18.41 2.47
N LEU A 426 -7.98 -17.54 2.68
CA LEU A 426 -8.24 -16.27 3.33
C LEU A 426 -9.13 -15.43 2.46
N PHE A 427 -8.72 -15.29 1.19
CA PHE A 427 -9.45 -14.50 0.21
C PHE A 427 -10.90 -15.00 -0.02
N LEU A 428 -11.04 -16.31 -0.26
CA LEU A 428 -12.34 -16.89 -0.57
C LEU A 428 -13.26 -17.07 0.64
N PHE A 429 -12.74 -17.36 1.83
CA PHE A 429 -13.61 -17.44 3.02
C PHE A 429 -14.00 -16.06 3.53
N LEU A 430 -13.11 -15.07 3.46
CA LEU A 430 -13.45 -13.74 3.95
C LEU A 430 -14.48 -13.06 3.02
N THR A 431 -14.24 -13.10 1.71
CA THR A 431 -15.16 -12.47 0.75
C THR A 431 -16.48 -13.16 0.80
N SER A 432 -16.46 -14.50 0.90
CA SER A 432 -17.68 -15.28 1.05
C SER A 432 -18.46 -14.88 2.29
N ILE A 433 -17.80 -14.68 3.41
CA ILE A 433 -18.49 -14.27 4.62
C ILE A 433 -19.08 -12.86 4.48
N LEU A 434 -18.33 -11.92 3.93
CA LEU A 434 -18.79 -10.54 3.87
C LEU A 434 -19.81 -10.31 2.75
N GLN A 435 -19.77 -11.17 1.75
CA GLN A 435 -20.81 -11.17 0.73
C GLN A 435 -22.17 -11.56 1.30
N ASN A 436 -22.16 -12.39 2.33
CA ASN A 436 -23.39 -13.00 2.82
C ASN A 436 -23.87 -12.44 4.14
N PHE A 437 -22.97 -11.86 4.92
CA PHE A 437 -23.31 -11.33 6.23
C PHE A 437 -22.66 -9.99 6.49
N ASN A 438 -23.30 -9.25 7.39
CA ASN A 438 -22.69 -8.13 8.07
C ASN A 438 -22.36 -8.60 9.50
N LEU A 439 -21.23 -8.17 10.02
CA LEU A 439 -20.76 -8.64 11.30
C LEU A 439 -21.23 -7.66 12.35
N LYS A 440 -22.01 -8.10 13.31
CA LYS A 440 -22.42 -7.22 14.39
C LYS A 440 -21.69 -7.57 15.68
N SER A 441 -21.09 -6.54 16.24
CA SER A 441 -20.42 -6.63 17.53
C SER A 441 -21.48 -6.51 18.59
N LEU A 442 -21.21 -7.07 19.76
CA LEU A 442 -22.09 -6.88 20.92
C LEU A 442 -21.46 -5.96 21.97
N VAL A 443 -20.13 -5.80 21.95
CA VAL A 443 -19.44 -4.92 22.91
C VAL A 443 -19.05 -3.55 22.33
N ASP A 444 -19.61 -3.17 21.18
CA ASP A 444 -19.43 -1.83 20.60
C ASP A 444 -17.96 -1.57 20.14
N PRO A 445 -17.74 -1.41 18.83
CA PRO A 445 -16.38 -1.27 18.26
C PRO A 445 -15.37 -0.49 19.11
N LYS A 446 -15.74 0.75 19.47
CA LYS A 446 -14.84 1.71 20.13
C LYS A 446 -14.01 1.10 21.28
N ASN A 447 -14.69 0.39 22.18
CA ASN A 447 -14.05 -0.21 23.36
C ASN A 447 -13.03 -1.30 23.01
N LEU A 448 -13.54 -2.39 22.42
CA LEU A 448 -12.85 -3.69 22.34
C LEU A 448 -11.42 -3.62 21.83
N ASP A 449 -10.57 -4.42 22.48
CA ASP A 449 -9.11 -4.36 22.31
C ASP A 449 -8.71 -5.43 21.29
N THR A 450 -7.79 -5.10 20.39
CA THR A 450 -7.37 -6.06 19.37
C THR A 450 -5.90 -6.42 19.49
N THR A 451 -5.31 -6.08 20.62
CA THR A 451 -3.88 -6.27 20.83
C THR A 451 -3.62 -7.75 21.05
N PRO A 452 -2.70 -8.30 20.28
CA PRO A 452 -2.37 -9.72 20.39
C PRO A 452 -2.09 -10.15 21.82
N VAL A 453 -2.58 -11.32 22.21
CA VAL A 453 -2.10 -12.06 23.38
C VAL A 453 -0.92 -12.98 22.95
N VAL A 454 0.29 -12.65 23.41
CA VAL A 454 1.52 -13.33 22.98
C VAL A 454 2.15 -14.14 24.11
N ASN A 455 2.52 -15.38 23.80
CA ASN A 455 3.21 -16.24 24.77
C ASN A 455 4.29 -17.05 24.05
N GLY A 456 5.53 -16.59 24.15
CA GLY A 456 6.67 -17.20 23.46
C GLY A 456 6.78 -16.77 22.01
N PHE A 457 6.58 -17.74 21.09
CA PHE A 457 6.52 -17.48 19.63
C PHE A 457 5.11 -17.68 19.06
N ALA A 458 4.08 -17.37 19.82
CA ALA A 458 2.71 -17.59 19.38
C ALA A 458 1.79 -16.46 19.85
N SER A 459 1.28 -15.68 18.89
CA SER A 459 0.28 -14.66 19.15
C SER A 459 -1.07 -15.25 18.83
N VAL A 460 -2.10 -14.71 19.50
CA VAL A 460 -3.49 -15.09 19.25
C VAL A 460 -4.36 -13.91 19.62
N PRO A 461 -5.50 -13.76 18.96
CA PRO A 461 -6.41 -12.67 19.33
C PRO A 461 -7.03 -12.93 20.69
N PRO A 462 -7.55 -11.89 21.31
CA PRO A 462 -8.33 -12.05 22.53
C PRO A 462 -9.70 -12.57 22.17
N PHE A 463 -10.38 -13.07 23.18
CA PHE A 463 -11.66 -13.68 22.94
C PHE A 463 -12.69 -12.61 22.61
N TYR A 464 -13.54 -12.89 21.63
CA TYR A 464 -14.67 -12.02 21.34
C TYR A 464 -15.85 -12.84 20.81
N GLN A 465 -16.98 -12.17 20.70
CA GLN A 465 -18.15 -12.73 20.08
C GLN A 465 -18.70 -11.78 19.01
N LEU A 466 -19.51 -12.32 18.11
CA LEU A 466 -20.18 -11.54 17.09
C LEU A 466 -21.39 -12.29 16.50
N CYS A 467 -22.29 -11.54 15.85
CA CYS A 467 -23.44 -12.14 15.19
C CYS A 467 -23.22 -12.01 13.71
N PHE A 468 -23.60 -13.04 12.98
CA PHE A 468 -23.53 -12.99 11.52
C PHE A 468 -24.94 -12.69 11.00
N ILE A 469 -25.22 -11.41 10.72
CA ILE A 469 -26.53 -11.00 10.19
C ILE A 469 -26.58 -11.08 8.67
N PRO A 470 -27.49 -11.86 8.09
CA PRO A 470 -27.54 -11.98 6.63
C PRO A 470 -27.94 -10.68 5.95
N VAL A 471 -27.45 -10.45 4.74
CA VAL A 471 -27.61 -9.17 4.05
C VAL A 471 -29.00 -9.00 3.38
N HIS A 472 -29.62 -7.90 3.32
N PRO B 11 10.00 34.11 15.28
CA PRO B 11 11.20 33.47 14.74
C PRO B 11 12.15 34.49 14.20
N PRO B 12 13.42 34.13 14.00
CA PRO B 12 14.45 35.06 13.55
C PRO B 12 14.23 35.38 12.11
N GLY B 13 15.15 36.10 11.46
CA GLY B 13 15.03 36.45 10.04
C GLY B 13 15.68 37.79 9.71
N PRO B 14 15.84 38.11 8.43
CA PRO B 14 16.58 39.33 8.07
C PRO B 14 15.79 40.55 8.48
N THR B 15 16.51 41.66 8.65
CA THR B 15 15.91 42.91 9.10
C THR B 15 15.24 43.56 7.90
N PRO B 16 13.94 43.82 8.01
CA PRO B 16 13.20 44.48 6.94
C PRO B 16 13.40 45.98 6.95
N LEU B 17 13.78 46.50 5.79
CA LEU B 17 13.82 47.93 5.54
C LEU B 17 12.40 48.56 5.59
N PRO B 18 12.31 49.88 5.79
CA PRO B 18 11.05 50.56 6.13
C PRO B 18 9.78 50.08 5.41
N VAL B 19 9.75 50.18 4.08
CA VAL B 19 8.52 49.87 3.32
C VAL B 19 8.70 48.75 2.28
N ILE B 20 9.91 48.64 1.74
CA ILE B 20 10.25 47.57 0.80
C ILE B 20 10.42 46.18 1.48
N GLY B 21 10.44 46.12 2.81
CA GLY B 21 10.60 44.86 3.51
C GLY B 21 11.90 44.17 3.15
N ASN B 22 11.82 42.87 2.83
CA ASN B 22 13.01 42.06 2.51
C ASN B 22 13.22 41.87 1.01
N ILE B 23 12.42 42.56 0.20
CA ILE B 23 12.60 42.56 -1.25
C ILE B 23 14.07 42.74 -1.70
N LEU B 24 14.92 43.33 -0.89
CA LEU B 24 16.29 43.55 -1.30
C LEU B 24 17.13 42.26 -1.40
N GLN B 25 16.92 41.36 -0.45
CA GLN B 25 17.58 40.06 -0.41
C GLN B 25 16.81 38.94 -1.20
N ILE B 26 15.52 38.75 -0.94
CA ILE B 26 14.77 37.69 -1.66
C ILE B 26 14.64 37.98 -3.15
N GLY B 27 14.51 39.24 -3.52
CA GLY B 27 14.30 39.62 -4.90
C GLY B 27 12.86 39.37 -5.28
N ILE B 28 12.67 38.92 -6.51
CA ILE B 28 11.38 39.02 -7.19
C ILE B 28 11.25 37.98 -8.33
N LYS B 29 12.39 37.61 -8.92
CA LYS B 29 12.45 36.49 -9.86
C LYS B 29 12.32 35.13 -9.11
N ASP B 30 13.44 34.46 -8.79
CA ASP B 30 13.44 33.11 -8.16
C ASP B 30 13.47 33.20 -6.64
N ILE B 31 12.35 33.54 -6.01
CA ILE B 31 12.32 33.66 -4.56
C ILE B 31 12.71 32.33 -3.86
N SER B 32 12.45 31.19 -4.50
CA SER B 32 12.84 29.87 -3.94
C SER B 32 14.37 29.67 -3.77
N LYS B 33 15.17 30.16 -4.71
CA LYS B 33 16.64 29.97 -4.65
C LYS B 33 17.24 30.68 -3.46
N SER B 34 16.73 31.89 -3.18
CA SER B 34 17.20 32.66 -2.04
C SER B 34 16.65 32.19 -0.68
N LEU B 35 15.61 31.37 -0.67
CA LEU B 35 15.05 30.81 0.57
C LEU B 35 15.94 29.69 1.12
N THR B 36 16.54 28.89 0.24
CA THR B 36 17.52 27.91 0.69
C THR B 36 18.81 28.59 1.16
N ASN B 37 19.18 29.71 0.57
CA ASN B 37 20.30 30.49 1.08
C ASN B 37 20.01 31.03 2.47
N LEU B 38 18.79 31.54 2.68
CA LEU B 38 18.46 32.09 3.99
C LEU B 38 18.38 31.03 5.10
N SER B 39 18.12 29.77 4.74
CA SER B 39 17.97 28.72 5.76
C SER B 39 19.33 28.41 6.33
N LYS B 40 20.34 28.54 5.50
CA LYS B 40 21.73 28.30 5.86
C LYS B 40 22.21 29.27 6.94
N VAL B 41 21.52 30.41 7.10
CA VAL B 41 21.86 31.34 8.15
C VAL B 41 20.82 31.50 9.24
N TYR B 42 19.54 31.32 8.98
CA TYR B 42 18.57 31.55 10.08
C TYR B 42 17.91 30.25 10.61
N GLY B 43 18.34 29.11 10.06
CA GLY B 43 17.79 27.83 10.48
C GLY B 43 16.63 27.40 9.61
N PRO B 44 15.90 26.39 10.07
CA PRO B 44 14.81 25.81 9.29
C PRO B 44 13.49 26.56 9.49
N VAL B 45 13.45 27.52 10.39
CA VAL B 45 12.21 28.25 10.65
C VAL B 45 12.49 29.73 10.80
N PHE B 46 12.39 30.46 9.70
CA PHE B 46 12.64 31.90 9.72
C PHE B 46 11.55 32.80 9.19
N THR B 47 11.51 34.04 9.71
CA THR B 47 10.54 35.07 9.34
C THR B 47 11.01 35.91 8.15
N LEU B 48 10.05 36.36 7.35
CA LEU B 48 10.32 37.13 6.15
C LEU B 48 9.29 38.22 5.92
N TYR B 49 9.66 39.20 5.09
CA TYR B 49 8.80 40.36 4.89
C TYR B 49 8.55 40.64 3.41
N PHE B 50 7.29 40.46 3.05
CA PHE B 50 6.78 40.95 1.78
C PHE B 50 6.10 42.27 2.11
N GLY B 51 6.88 43.35 1.96
CA GLY B 51 6.48 44.64 2.45
C GLY B 51 6.28 44.61 3.94
N LEU B 52 5.03 44.69 4.36
CA LEU B 52 4.66 44.76 5.78
C LEU B 52 4.09 43.43 6.27
N LYS B 53 3.87 42.49 5.35
CA LYS B 53 3.37 41.16 5.67
C LYS B 53 4.52 40.29 6.20
N PRO B 54 4.38 39.82 7.44
CA PRO B 54 5.30 38.84 8.02
C PRO B 54 4.98 37.38 7.62
N ILE B 55 5.98 36.67 7.10
CA ILE B 55 5.84 35.31 6.57
C ILE B 55 6.86 34.35 7.21
N VAL B 56 6.38 33.37 7.96
CA VAL B 56 7.23 32.30 8.44
C VAL B 56 7.44 31.27 7.33
N VAL B 57 8.69 31.06 6.96
CA VAL B 57 9.12 29.97 6.05
C VAL B 57 9.58 28.74 6.82
N LEU B 58 9.33 27.56 6.26
CA LEU B 58 9.79 26.28 6.82
C LEU B 58 10.68 25.56 5.80
N HIS B 59 11.87 25.11 6.21
CA HIS B 59 12.81 24.62 5.20
C HIS B 59 13.23 23.13 5.37
N GLY B 60 13.56 22.67 6.56
CA GLY B 60 13.84 21.25 6.68
C GLY B 60 12.71 20.29 6.22
N TYR B 61 13.05 19.06 5.82
CA TYR B 61 12.04 17.98 5.86
C TYR B 61 11.46 17.83 7.27
N GLU B 62 12.32 17.86 8.29
CA GLU B 62 11.88 17.67 9.67
C GLU B 62 10.90 18.75 10.07
N ALA B 63 11.17 20.00 9.68
CA ALA B 63 10.27 21.14 10.00
C ALA B 63 8.95 21.11 9.20
N VAL B 64 9.02 20.72 7.94
CA VAL B 64 7.82 20.60 7.12
C VAL B 64 6.96 19.47 7.65
N LYS B 65 7.59 18.34 8.00
CA LYS B 65 6.88 17.16 8.51
C LYS B 65 6.23 17.46 9.83
N GLU B 66 6.97 18.08 10.72
CA GLU B 66 6.45 18.43 12.02
C GLU B 66 5.27 19.37 11.91
N ALA B 67 5.29 20.27 10.94
CA ALA B 67 4.23 21.26 10.87
C ALA B 67 3.01 20.68 10.17
N LEU B 68 3.23 20.04 9.03
CA LEU B 68 2.12 19.66 8.15
C LEU B 68 1.42 18.39 8.64
N ILE B 69 2.17 17.54 9.33
CA ILE B 69 1.62 16.30 9.81
C ILE B 69 1.40 16.39 11.32
N ASP B 70 2.48 16.53 12.10
CA ASP B 70 2.38 16.51 13.58
C ASP B 70 1.47 17.61 14.11
N LEU B 71 1.59 18.81 13.55
CA LEU B 71 0.73 19.94 13.90
C LEU B 71 -0.23 20.20 12.75
N GLY B 72 -0.76 19.12 12.17
CA GLY B 72 -1.49 19.19 10.91
C GLY B 72 -2.67 20.12 10.91
N GLU B 73 -3.54 20.01 11.91
CA GLU B 73 -4.73 20.87 11.94
C GLU B 73 -4.38 22.34 12.16
N GLU B 74 -3.29 22.56 12.89
CA GLU B 74 -2.86 23.91 13.22
C GLU B 74 -2.37 24.65 11.95
N PHE B 75 -1.73 23.90 11.05
CA PHE B 75 -1.23 24.45 9.78
C PHE B 75 -2.13 24.16 8.57
N SER B 76 -3.39 23.83 8.81
CA SER B 76 -4.29 23.48 7.72
C SER B 76 -4.92 24.72 7.06
N GLY B 77 -4.52 25.91 7.50
CA GLY B 77 -5.11 27.11 6.96
C GLY B 77 -4.54 27.40 5.59
N ARG B 78 -5.32 28.14 4.79
CA ARG B 78 -4.90 28.64 3.49
C ARG B 78 -4.61 30.11 3.67
N GLY B 79 -3.40 30.51 3.25
CA GLY B 79 -3.01 31.89 3.29
C GLY B 79 -3.22 32.54 1.94
N ILE B 80 -3.70 33.78 1.97
CA ILE B 80 -4.04 34.50 0.75
C ILE B 80 -3.19 35.72 0.64
N PHE B 81 -2.43 35.82 -0.43
CA PHE B 81 -1.65 37.02 -0.69
C PHE B 81 -2.55 38.08 -1.32
N PRO B 82 -2.10 39.34 -1.29
CA PRO B 82 -2.93 40.45 -1.77
C PRO B 82 -3.55 40.24 -3.15
N LEU B 83 -2.77 39.84 -4.14
CA LEU B 83 -3.23 39.74 -5.53
C LEU B 83 -4.30 38.68 -5.65
N ALA B 84 -4.03 37.49 -5.13
CA ALA B 84 -5.02 36.43 -5.07
C ALA B 84 -6.33 36.91 -4.41
N GLU B 85 -6.19 37.65 -3.29
CA GLU B 85 -7.34 38.10 -2.50
C GLU B 85 -8.27 39.02 -3.26
N ARG B 86 -7.70 39.83 -4.15
CA ARG B 86 -8.46 40.80 -4.94
C ARG B 86 -8.99 40.24 -6.26
N ALA B 87 -8.40 39.13 -6.70
CA ALA B 87 -8.77 38.48 -7.96
C ALA B 87 -9.80 37.36 -7.77
N ASN B 88 -10.19 37.10 -6.52
CA ASN B 88 -11.16 36.06 -6.23
C ASN B 88 -12.43 36.64 -5.61
N ARG B 89 -13.57 36.32 -6.23
CA ARG B 89 -14.88 36.55 -5.64
C ARG B 89 -15.48 35.18 -5.39
N GLY B 90 -15.66 34.85 -4.12
CA GLY B 90 -16.16 33.55 -3.74
C GLY B 90 -15.04 32.53 -3.70
N PHE B 91 -15.07 31.71 -2.66
CA PHE B 91 -14.07 30.67 -2.44
C PHE B 91 -14.73 29.31 -2.64
N GLY B 92 -13.99 28.37 -3.22
CA GLY B 92 -14.47 27.01 -3.41
C GLY B 92 -13.76 26.03 -2.49
N ILE B 93 -12.59 25.60 -2.94
CA ILE B 93 -11.79 24.70 -2.16
C ILE B 93 -10.39 25.29 -1.96
N VAL B 94 -9.78 25.81 -3.03
CA VAL B 94 -8.38 26.22 -2.97
C VAL B 94 -8.17 27.33 -1.97
N PHE B 95 -9.10 28.26 -1.92
CA PHE B 95 -8.91 29.48 -1.14
C PHE B 95 -9.86 29.57 0.05
N SER B 96 -10.56 28.47 0.31
CA SER B 96 -11.50 28.40 1.43
C SER B 96 -10.76 28.13 2.70
N ASN B 97 -11.44 28.30 3.82
CA ASN B 97 -10.92 28.04 5.16
C ASN B 97 -12.05 27.64 6.11
N GLY B 98 -11.72 27.05 7.27
CA GLY B 98 -12.73 26.65 8.24
C GLY B 98 -13.69 25.55 7.82
N LYS B 99 -14.94 25.61 8.31
CA LYS B 99 -15.99 24.62 7.96
C LYS B 99 -16.34 24.58 6.47
N LYS B 100 -16.22 25.72 5.80
CA LYS B 100 -16.58 25.79 4.39
C LYS B 100 -15.58 24.98 3.54
N TRP B 101 -14.29 25.05 3.92
CA TRP B 101 -13.26 24.21 3.32
C TRP B 101 -13.41 22.74 3.74
N LYS B 102 -13.44 22.47 5.04
CA LYS B 102 -13.65 21.12 5.59
C LYS B 102 -14.71 20.33 4.80
N GLU B 103 -15.91 20.91 4.71
CA GLU B 103 -17.04 20.25 4.08
C GLU B 103 -16.83 20.08 2.58
N ILE B 104 -16.48 21.15 1.88
CA ILE B 104 -16.43 21.07 0.42
C ILE B 104 -15.30 20.17 -0.05
N ARG B 105 -14.22 20.12 0.74
CA ARG B 105 -13.08 19.28 0.40
C ARG B 105 -13.41 17.81 0.57
N ARG B 106 -14.17 17.53 1.63
CA ARG B 106 -14.54 16.17 1.96
C ARG B 106 -15.39 15.67 0.83
N PHE B 107 -16.40 16.46 0.48
CA PHE B 107 -17.31 16.12 -0.60
C PHE B 107 -16.58 15.87 -1.90
N SER B 108 -15.59 16.69 -2.20
CA SER B 108 -14.85 16.59 -3.43
C SER B 108 -14.02 15.34 -3.45
N LEU B 109 -13.34 15.06 -2.35
CA LEU B 109 -12.52 13.85 -2.27
C LEU B 109 -13.42 12.64 -2.47
N MET B 110 -14.64 12.72 -1.97
CA MET B 110 -15.61 11.64 -2.15
C MET B 110 -15.90 11.38 -3.62
N THR B 111 -16.31 12.44 -4.34
CA THR B 111 -16.58 12.32 -5.76
C THR B 111 -15.36 11.94 -6.57
N LEU B 112 -14.17 12.26 -6.10
CA LEU B 112 -12.96 11.97 -6.90
C LEU B 112 -12.43 10.54 -6.76
N ARG B 113 -13.07 9.70 -5.93
CA ARG B 113 -12.66 8.32 -5.80
C ARG B 113 -12.92 7.60 -7.11
N ASN B 114 -12.12 6.58 -7.39
CA ASN B 114 -12.23 5.93 -8.68
C ASN B 114 -13.68 5.53 -9.02
N PHE B 115 -14.42 4.96 -8.09
CA PHE B 115 -15.84 4.63 -8.31
C PHE B 115 -16.78 5.53 -7.48
N GLY B 116 -16.33 6.75 -7.23
CA GLY B 116 -17.07 7.71 -6.44
C GLY B 116 -18.31 8.33 -7.08
N MET B 117 -18.62 8.00 -8.34
CA MET B 117 -19.85 8.53 -8.95
C MET B 117 -20.36 7.83 -10.22
N GLY B 118 -21.40 7.02 -10.03
CA GLY B 118 -22.07 6.36 -11.12
C GLY B 118 -21.28 5.15 -11.56
N LYS B 119 -21.70 4.58 -12.69
CA LYS B 119 -21.17 3.32 -13.19
C LYS B 119 -19.88 3.49 -14.02
N ARG B 120 -19.46 4.75 -14.24
CA ARG B 120 -18.20 5.05 -14.92
C ARG B 120 -17.09 5.45 -13.92
N SER B 121 -15.95 4.77 -14.00
CA SER B 121 -14.83 5.07 -13.10
C SER B 121 -14.01 6.29 -13.60
N ILE B 122 -13.27 6.93 -12.71
CA ILE B 122 -12.33 7.96 -13.15
C ILE B 122 -11.33 7.31 -14.12
N GLU B 123 -10.92 6.08 -13.86
CA GLU B 123 -9.88 5.48 -14.65
C GLU B 123 -10.36 5.25 -16.06
N ASP B 124 -11.66 5.07 -16.26
CA ASP B 124 -12.19 4.89 -17.61
C ASP B 124 -12.05 6.20 -18.35
N ARG B 125 -12.59 7.25 -17.73
CA ARG B 125 -12.49 8.62 -18.22
C ARG B 125 -11.06 8.95 -18.65
N VAL B 126 -10.09 8.63 -17.81
CA VAL B 126 -8.71 8.93 -18.12
C VAL B 126 -8.19 8.02 -19.18
N GLN B 127 -8.66 6.77 -19.20
CA GLN B 127 -8.26 5.84 -20.28
C GLN B 127 -8.79 6.27 -21.63
N GLU B 128 -9.98 6.88 -21.65
CA GLU B 128 -10.58 7.34 -22.90
C GLU B 128 -9.76 8.52 -23.45
N GLU B 129 -9.51 9.49 -22.58
CA GLU B 129 -8.70 10.64 -22.93
C GLU B 129 -7.32 10.23 -23.42
N ALA B 130 -6.77 9.21 -22.79
CA ALA B 130 -5.47 8.70 -23.16
C ALA B 130 -5.42 8.25 -24.63
N ARG B 131 -6.50 7.65 -25.14
CA ARG B 131 -6.44 7.20 -26.53
C ARG B 131 -6.79 8.31 -27.53
N CYS B 132 -7.59 9.27 -27.11
CA CYS B 132 -7.86 10.45 -27.90
C CYS B 132 -6.65 11.33 -28.03
N LEU B 133 -5.76 11.26 -27.04
CA LEU B 133 -4.54 12.06 -27.01
C LEU B 133 -3.59 11.45 -28.03
N VAL B 134 -3.55 10.13 -28.06
CA VAL B 134 -2.71 9.38 -29.00
C VAL B 134 -3.21 9.61 -30.42
N GLU B 135 -4.54 9.59 -30.59
CA GLU B 135 -5.16 9.86 -31.88
C GLU B 135 -4.75 11.27 -32.35
N GLU B 136 -4.61 12.22 -31.43
CA GLU B 136 -4.22 13.59 -31.80
C GLU B 136 -2.73 13.80 -32.05
N LEU B 137 -1.89 12.96 -31.47
CA LEU B 137 -0.47 13.05 -31.76
C LEU B 137 -0.26 12.42 -33.12
N ARG B 138 -1.06 11.40 -33.43
CA ARG B 138 -1.02 10.75 -34.73
C ARG B 138 -1.25 11.76 -35.87
N LYS B 139 -2.17 12.69 -35.64
CA LYS B 139 -2.52 13.72 -36.62
C LYS B 139 -1.45 14.79 -36.84
N THR B 140 -0.41 14.84 -36.02
CA THR B 140 0.72 15.73 -36.30
C THR B 140 1.60 15.14 -37.37
N LYS B 141 1.22 13.95 -37.86
CA LYS B 141 1.81 13.34 -39.05
C LYS B 141 3.33 13.09 -38.95
N ALA B 142 3.84 13.01 -37.73
CA ALA B 142 5.26 12.75 -37.47
C ALA B 142 6.15 13.94 -37.80
N SER B 143 5.54 15.12 -37.93
CA SER B 143 6.24 16.36 -38.19
C SER B 143 6.51 17.08 -36.88
N PRO B 144 7.49 18.00 -36.87
CA PRO B 144 7.83 18.73 -35.67
C PRO B 144 6.64 19.43 -35.12
N CYS B 145 6.59 19.55 -33.81
CA CYS B 145 5.41 20.11 -33.16
C CYS B 145 5.76 20.59 -31.75
N ASP B 146 5.01 21.59 -31.30
CA ASP B 146 5.10 22.13 -29.96
C ASP B 146 3.94 21.50 -29.19
N PRO B 147 4.30 20.59 -28.29
CA PRO B 147 3.30 19.77 -27.57
C PRO B 147 2.45 20.57 -26.60
N THR B 148 2.81 21.81 -26.30
CA THR B 148 2.09 22.57 -25.25
C THR B 148 0.58 22.47 -25.30
N PHE B 149 0.02 22.54 -26.51
CA PHE B 149 -1.40 22.73 -26.65
C PHE B 149 -2.14 21.41 -26.49
N ILE B 150 -1.72 20.42 -27.26
CA ILE B 150 -2.28 19.07 -27.23
C ILE B 150 -2.18 18.47 -25.81
N LEU B 151 -1.00 18.56 -25.22
CA LEU B 151 -0.80 18.14 -23.84
C LEU B 151 -1.56 18.98 -22.83
N GLY B 152 -2.00 20.17 -23.17
CA GLY B 152 -2.85 20.92 -22.25
C GLY B 152 -4.29 20.47 -22.39
N CYS B 153 -4.63 20.00 -23.58
CA CYS B 153 -6.01 19.70 -23.90
C CYS B 153 -6.45 18.51 -23.06
N ALA B 154 -5.56 17.53 -22.91
CA ALA B 154 -5.89 16.26 -22.31
C ALA B 154 -6.30 16.34 -20.83
N PRO B 155 -5.50 17.01 -20.00
CA PRO B 155 -5.88 17.16 -18.60
C PRO B 155 -7.13 18.03 -18.42
N CYS B 156 -7.29 19.02 -19.25
CA CYS B 156 -8.47 19.86 -19.15
C CYS B 156 -9.76 19.08 -19.41
N ASN B 157 -9.69 18.23 -20.43
CA ASN B 157 -10.79 17.37 -20.82
C ASN B 157 -11.11 16.31 -19.75
N VAL B 158 -10.09 15.84 -19.02
CA VAL B 158 -10.32 14.89 -17.95
C VAL B 158 -11.21 15.57 -16.94
N ILE B 159 -10.89 16.81 -16.59
CA ILE B 159 -11.73 17.56 -15.64
C ILE B 159 -13.14 17.77 -16.21
N CYS B 160 -13.24 18.02 -17.51
CA CYS B 160 -14.56 18.20 -18.17
C CYS B 160 -15.45 16.96 -18.02
N SER B 161 -14.84 15.79 -18.20
CA SER B 161 -15.55 14.54 -18.09
C SER B 161 -16.05 14.39 -16.68
N ILE B 162 -15.15 14.56 -15.71
CA ILE B 162 -15.52 14.47 -14.29
C ILE B 162 -16.61 15.45 -13.90
N ILE B 163 -16.64 16.67 -14.44
CA ILE B 163 -17.64 17.65 -14.00
C ILE B 163 -18.94 17.54 -14.81
N PHE B 164 -18.82 17.37 -16.12
CA PHE B 164 -19.96 17.38 -17.07
C PHE B 164 -20.51 16.01 -17.57
N HIS B 165 -19.86 14.92 -17.18
CA HIS B 165 -20.04 13.52 -17.67
C HIS B 165 -19.41 13.21 -19.01
N LYS B 166 -19.22 14.19 -19.88
CA LYS B 166 -18.57 13.84 -21.10
C LYS B 166 -17.45 14.79 -21.47
N ARG B 167 -16.39 14.24 -22.03
CA ARG B 167 -15.34 15.02 -22.66
C ARG B 167 -15.82 15.73 -23.92
N PHE B 168 -15.05 16.72 -24.37
CA PHE B 168 -15.31 17.47 -25.58
C PHE B 168 -14.37 16.98 -26.65
N ASP B 169 -14.66 17.32 -27.89
CA ASP B 169 -13.71 17.11 -28.98
C ASP B 169 -12.68 18.22 -28.88
N TYR B 170 -11.42 17.95 -29.21
CA TYR B 170 -10.36 18.96 -29.06
C TYR B 170 -10.62 20.24 -29.88
N LYS B 171 -11.60 20.22 -30.77
CA LYS B 171 -11.92 21.35 -31.66
C LYS B 171 -13.24 22.08 -31.34
N ASP B 172 -14.15 21.43 -30.62
CA ASP B 172 -15.35 22.05 -30.05
C ASP B 172 -15.12 23.46 -29.51
N GLN B 173 -16.02 24.40 -29.82
CA GLN B 173 -15.74 25.82 -29.56
C GLN B 173 -15.90 26.16 -28.09
N GLN B 174 -16.85 25.51 -27.42
CA GLN B 174 -16.99 25.60 -25.96
C GLN B 174 -15.66 25.27 -25.25
N PHE B 175 -14.99 24.25 -25.78
CA PHE B 175 -13.80 23.68 -25.17
C PHE B 175 -12.65 24.61 -25.31
N LEU B 176 -12.40 25.04 -26.54
CA LEU B 176 -11.36 26.02 -26.85
C LEU B 176 -11.50 27.34 -26.10
N ASN B 177 -12.73 27.80 -25.83
CA ASN B 177 -12.92 29.02 -25.03
C ASN B 177 -12.45 28.81 -23.61
N LEU B 178 -12.93 27.76 -22.95
CA LEU B 178 -12.45 27.35 -21.63
C LEU B 178 -10.92 27.20 -21.58
N MET B 179 -10.37 26.58 -22.60
CA MET B 179 -8.93 26.38 -22.70
C MET B 179 -8.19 27.73 -22.76
N GLU B 180 -8.79 28.64 -23.52
CA GLU B 180 -8.28 30.00 -23.74
C GLU B 180 -8.19 30.80 -22.44
N LYS B 181 -9.26 30.79 -21.66
CA LYS B 181 -9.36 31.59 -20.45
C LYS B 181 -8.45 31.05 -19.33
N LEU B 182 -8.31 29.72 -19.29
CA LEU B 182 -7.41 29.07 -18.36
C LEU B 182 -5.97 29.43 -18.71
N ASN B 183 -5.60 29.38 -20.00
CA ASN B 183 -4.23 29.68 -20.42
C ASN B 183 -3.88 31.14 -20.27
N GLU B 184 -4.86 32.00 -20.49
CA GLU B 184 -4.71 33.44 -20.31
C GLU B 184 -4.44 33.79 -18.84
N ASN B 185 -5.23 33.21 -17.95
CA ASN B 185 -4.98 33.28 -16.51
C ASN B 185 -3.56 32.83 -16.10
N ILE B 186 -3.00 31.82 -16.76
CA ILE B 186 -1.69 31.30 -16.39
C ILE B 186 -0.62 32.27 -16.81
N GLU B 187 -0.80 32.83 -18.00
CA GLU B 187 0.10 33.85 -18.58
C GLU B 187 0.12 35.08 -17.65
N ILE B 188 -1.05 35.61 -17.30
CA ILE B 188 -1.11 36.74 -16.40
C ILE B 188 -0.33 36.43 -15.12
N LEU B 189 -0.60 35.27 -14.53
CA LEU B 189 -0.12 34.94 -13.19
C LEU B 189 1.38 34.58 -13.14
N SER B 190 1.99 34.39 -14.31
CA SER B 190 3.41 34.05 -14.41
C SER B 190 4.31 35.26 -14.75
N SER B 191 3.78 36.47 -14.63
CA SER B 191 4.55 37.70 -14.80
C SER B 191 5.31 37.96 -13.54
N PRO B 192 6.62 38.16 -13.62
CA PRO B 192 7.37 38.65 -12.47
C PRO B 192 6.77 39.91 -11.83
N TRP B 193 6.13 40.72 -12.66
CA TRP B 193 5.31 41.84 -12.23
C TRP B 193 4.39 41.48 -11.01
N ILE B 194 3.84 40.26 -10.96
CA ILE B 194 2.88 39.87 -9.89
C ILE B 194 3.42 39.93 -8.47
N GLN B 195 4.73 39.77 -8.32
CA GLN B 195 5.35 39.69 -7.01
C GLN B 195 5.53 41.10 -6.40
N VAL B 196 5.64 42.09 -7.26
CA VAL B 196 5.57 43.48 -6.83
C VAL B 196 4.28 43.72 -6.02
N TYR B 197 3.15 43.20 -6.49
CA TYR B 197 1.87 43.39 -5.81
C TYR B 197 1.86 42.81 -4.40
N ASN B 198 2.51 41.66 -4.21
CA ASN B 198 2.53 41.00 -2.91
C ASN B 198 3.35 41.78 -1.87
N ASN B 199 4.38 42.47 -2.34
CA ASN B 199 5.15 43.36 -1.48
C ASN B 199 4.39 44.68 -1.22
N PHE B 200 3.83 45.24 -2.30
CA PHE B 200 3.17 46.55 -2.23
C PHE B 200 1.69 46.50 -2.63
N PRO B 201 0.82 45.92 -1.79
CA PRO B 201 -0.62 45.80 -2.12
C PRO B 201 -1.31 47.11 -2.56
N ALA B 202 -0.75 48.26 -2.21
CA ALA B 202 -1.35 49.52 -2.61
C ALA B 202 -1.29 49.70 -4.13
N LEU B 203 -0.31 49.07 -4.78
CA LEU B 203 -0.17 49.16 -6.22
C LEU B 203 -1.28 48.45 -6.99
N LEU B 204 -2.15 47.75 -6.28
CA LEU B 204 -3.29 47.10 -6.90
C LEU B 204 -4.31 48.14 -7.32
N ASP B 205 -4.52 49.13 -6.42
CA ASP B 205 -5.29 50.34 -6.71
C ASP B 205 -4.77 51.10 -7.94
N TYR B 206 -3.45 51.29 -8.04
CA TYR B 206 -2.84 52.14 -9.08
C TYR B 206 -2.62 51.41 -10.42
N PHE B 207 -2.81 50.10 -10.43
CA PHE B 207 -2.60 49.26 -11.62
C PHE B 207 -3.57 48.09 -11.53
N PRO B 208 -4.85 48.33 -11.81
CA PRO B 208 -5.86 47.30 -11.57
C PRO B 208 -6.07 46.42 -12.80
N GLY B 209 -5.35 46.65 -13.89
CA GLY B 209 -5.53 45.85 -15.09
C GLY B 209 -5.40 44.37 -14.85
N THR B 210 -4.38 43.97 -14.09
CA THR B 210 -4.23 42.59 -13.63
C THR B 210 -5.14 42.42 -12.47
N HIS B 211 -6.04 41.45 -12.52
CA HIS B 211 -7.04 41.23 -11.48
C HIS B 211 -8.42 41.62 -11.95
N ASN B 212 -8.45 42.57 -12.87
CA ASN B 212 -9.67 42.87 -13.59
C ASN B 212 -9.76 41.80 -14.66
N LYS B 213 -8.63 41.49 -15.30
CA LYS B 213 -8.59 40.43 -16.30
C LYS B 213 -8.87 39.06 -15.65
N LEU B 214 -8.29 38.83 -14.47
CA LEU B 214 -8.49 37.58 -13.78
C LEU B 214 -9.94 37.40 -13.38
N LEU B 215 -10.50 38.45 -12.77
CA LEU B 215 -11.93 38.49 -12.37
C LEU B 215 -12.89 38.25 -13.54
N LYS B 216 -12.54 38.85 -14.67
CA LYS B 216 -13.38 38.83 -15.85
C LYS B 216 -13.40 37.41 -16.37
N ASN B 217 -12.23 36.80 -16.38
CA ASN B 217 -12.06 35.46 -16.93
C ASN B 217 -12.68 34.41 -16.03
N VAL B 218 -12.63 34.63 -14.72
CA VAL B 218 -13.24 33.73 -13.75
C VAL B 218 -14.77 33.85 -13.80
N ALA B 219 -15.27 34.99 -14.27
CA ALA B 219 -16.71 35.22 -14.38
C ALA B 219 -17.23 34.53 -15.64
N PHE B 220 -16.47 34.64 -16.73
CA PHE B 220 -16.77 33.95 -17.98
C PHE B 220 -16.84 32.43 -17.73
N MET B 221 -15.83 31.91 -17.05
CA MET B 221 -15.78 30.50 -16.66
C MET B 221 -16.95 30.11 -15.77
N LYS B 222 -17.25 30.94 -14.78
CA LYS B 222 -18.31 30.61 -13.84
C LYS B 222 -19.67 30.50 -14.51
N SER B 223 -20.03 31.48 -15.32
CA SER B 223 -21.37 31.54 -15.87
C SER B 223 -21.49 30.54 -17.01
N TYR B 224 -20.37 30.18 -17.63
CA TYR B 224 -20.35 29.02 -18.55
C TYR B 224 -20.66 27.68 -17.87
N ILE B 225 -20.17 27.51 -16.65
CA ILE B 225 -20.43 26.33 -15.86
C ILE B 225 -21.86 26.34 -15.39
N LEU B 226 -22.35 27.53 -15.03
CA LEU B 226 -23.74 27.75 -14.59
C LEU B 226 -24.70 27.34 -15.70
N GLU B 227 -24.31 27.60 -16.93
CA GLU B 227 -25.07 27.17 -18.09
C GLU B 227 -25.16 25.65 -18.01
N LYS B 228 -24.02 25.03 -17.74
CA LYS B 228 -23.94 23.58 -17.63
C LYS B 228 -24.67 23.00 -16.42
N VAL B 229 -24.78 23.74 -15.32
CA VAL B 229 -25.46 23.18 -14.14
C VAL B 229 -26.96 23.27 -14.28
N LYS B 230 -27.43 24.09 -15.21
CA LYS B 230 -28.84 24.25 -15.48
C LYS B 230 -29.29 23.12 -16.42
N GLU B 231 -28.46 22.82 -17.43
CA GLU B 231 -28.62 21.60 -18.25
C GLU B 231 -28.67 20.32 -17.40
N HIS B 232 -27.97 20.33 -16.27
CA HIS B 232 -27.99 19.20 -15.36
C HIS B 232 -29.26 19.26 -14.52
N GLN B 233 -29.62 20.45 -14.02
CA GLN B 233 -30.77 20.60 -13.10
C GLN B 233 -32.05 20.05 -13.73
N GLU B 234 -32.08 20.04 -15.06
CA GLU B 234 -33.16 19.46 -15.85
C GLU B 234 -32.99 17.91 -15.94
N SER B 235 -31.87 17.46 -16.51
CA SER B 235 -31.56 16.03 -16.74
C SER B 235 -31.44 15.19 -15.49
N MET B 236 -30.32 15.33 -14.78
CA MET B 236 -30.10 14.76 -13.45
C MET B 236 -31.23 13.86 -12.94
N ASP B 237 -30.99 12.55 -13.01
CA ASP B 237 -31.78 11.57 -12.29
C ASP B 237 -31.28 11.60 -10.85
N MET B 238 -32.19 11.83 -9.90
CA MET B 238 -31.85 11.85 -8.47
C MET B 238 -31.31 10.53 -7.92
N ASN B 239 -31.54 9.42 -8.62
CA ASN B 239 -31.05 8.09 -8.21
C ASN B 239 -29.82 7.59 -8.98
N ASN B 240 -29.47 8.30 -10.06
CA ASN B 240 -28.34 7.94 -10.91
C ASN B 240 -27.42 9.14 -11.18
N PRO B 241 -26.66 9.55 -10.18
CA PRO B 241 -25.66 10.60 -10.35
C PRO B 241 -24.51 10.08 -11.18
N GLN B 242 -24.03 10.88 -12.15
CA GLN B 242 -22.94 10.44 -13.05
C GLN B 242 -21.73 11.38 -13.12
N ASP B 243 -21.75 12.49 -12.38
CA ASP B 243 -20.64 13.45 -12.45
C ASP B 243 -20.66 14.41 -11.28
N PHE B 244 -19.69 15.30 -11.22
CA PHE B 244 -19.46 16.13 -10.03
C PHE B 244 -20.65 17.03 -9.76
N ILE B 245 -21.23 17.56 -10.84
CA ILE B 245 -22.39 18.38 -10.73
C ILE B 245 -23.58 17.60 -10.17
N ASP B 246 -23.87 16.41 -10.71
CA ASP B 246 -25.05 15.63 -10.28
C ASP B 246 -24.89 15.35 -8.78
N CYS B 247 -23.68 14.97 -8.36
CA CYS B 247 -23.44 14.67 -6.92
C CYS B 247 -23.58 15.91 -6.04
N PHE B 248 -23.17 17.05 -6.56
CA PHE B 248 -23.23 18.29 -5.80
C PHE B 248 -24.69 18.70 -5.68
N LEU B 249 -25.39 18.65 -6.81
CA LEU B 249 -26.79 19.00 -6.85
C LEU B 249 -27.63 18.19 -5.85
N MET B 250 -27.33 16.90 -5.71
CA MET B 250 -28.10 16.05 -4.82
C MET B 250 -27.59 16.10 -3.38
N LYS B 251 -26.39 16.66 -3.19
CA LYS B 251 -25.90 17.00 -1.84
C LYS B 251 -26.64 18.22 -1.34
N MET B 252 -27.16 19.04 -2.24
CA MET B 252 -27.97 20.18 -1.85
C MET B 252 -29.38 19.79 -1.45
N GLU B 253 -29.84 18.63 -1.92
CA GLU B 253 -31.14 18.08 -1.49
C GLU B 253 -31.08 17.62 -0.03
N LYS B 254 -30.12 16.75 0.31
CA LYS B 254 -29.73 16.61 1.71
C LYS B 254 -29.33 18.03 2.11
N GLU B 255 -29.16 18.29 3.39
CA GLU B 255 -28.78 19.64 3.83
C GLU B 255 -29.87 20.72 3.63
N LYS B 256 -31.01 20.38 3.03
CA LYS B 256 -32.04 21.39 2.79
C LYS B 256 -32.80 21.76 4.08
N HIS B 257 -32.71 20.90 5.09
CA HIS B 257 -33.31 21.16 6.40
C HIS B 257 -32.33 22.08 7.19
N ASN B 258 -31.02 21.89 6.96
CA ASN B 258 -29.94 22.71 7.56
C ASN B 258 -29.59 23.92 6.68
N GLN B 259 -30.45 24.95 6.69
CA GLN B 259 -30.51 25.93 5.61
C GLN B 259 -29.50 27.09 5.57
N PRO B 260 -28.69 27.27 6.62
CA PRO B 260 -27.37 27.90 6.42
C PRO B 260 -26.31 26.91 5.84
N SER B 261 -26.50 26.43 4.60
CA SER B 261 -25.63 25.38 4.00
C SER B 261 -24.46 25.87 3.13
N GLU B 262 -23.39 25.08 3.17
CA GLU B 262 -22.15 25.31 2.42
C GLU B 262 -22.26 25.00 0.93
N PHE B 263 -23.21 24.15 0.58
CA PHE B 263 -23.36 23.71 -0.79
C PHE B 263 -24.46 24.55 -1.46
N THR B 264 -24.06 25.54 -2.25
CA THR B 264 -24.97 26.32 -3.12
C THR B 264 -24.48 26.34 -4.57
N ILE B 265 -25.32 26.83 -5.47
CA ILE B 265 -24.89 26.94 -6.86
C ILE B 265 -23.63 27.80 -6.95
N GLU B 266 -23.52 28.80 -6.08
CA GLU B 266 -22.29 29.62 -6.00
C GLU B 266 -21.06 28.78 -5.64
N SER B 267 -21.11 28.05 -4.51
CA SER B 267 -20.06 27.11 -4.11
C SER B 267 -19.66 26.18 -5.24
N LEU B 268 -20.65 25.69 -5.98
CA LEU B 268 -20.44 24.71 -7.03
C LEU B 268 -19.66 25.36 -8.15
N GLU B 269 -20.07 26.55 -8.57
CA GLU B 269 -19.35 27.30 -9.59
C GLU B 269 -17.89 27.51 -9.18
N ASN B 270 -17.69 27.95 -7.94
CA ASN B 270 -16.38 28.21 -7.39
C ASN B 270 -15.51 26.99 -7.34
N THR B 271 -16.06 25.92 -6.79
CA THR B 271 -15.36 24.66 -6.66
C THR B 271 -15.01 24.05 -8.02
N ALA B 272 -15.80 24.35 -9.03
CA ALA B 272 -15.59 23.78 -10.34
C ALA B 272 -14.46 24.49 -11.07
N VAL B 273 -14.41 25.83 -11.01
CA VAL B 273 -13.30 26.56 -11.63
C VAL B 273 -11.97 26.26 -10.96
N ASP B 274 -12.00 26.15 -9.63
CA ASP B 274 -10.82 25.72 -8.87
C ASP B 274 -10.28 24.41 -9.42
N LEU B 275 -11.16 23.46 -9.75
CA LEU B 275 -10.74 22.16 -10.25
C LEU B 275 -10.14 22.30 -11.61
N PHE B 276 -10.80 23.06 -12.50
CA PHE B 276 -10.20 23.40 -13.79
C PHE B 276 -8.86 24.06 -13.64
N GLY B 277 -8.68 24.92 -12.65
CA GLY B 277 -7.48 25.72 -12.53
C GLY B 277 -6.32 24.92 -11.99
N ALA B 278 -6.57 24.27 -10.87
CA ALA B 278 -5.62 23.32 -10.28
C ALA B 278 -5.41 22.05 -11.12
N GLY B 279 -6.47 21.59 -11.77
CA GLY B 279 -6.42 20.37 -12.56
C GLY B 279 -5.59 20.41 -13.84
N THR B 280 -5.33 21.61 -14.35
CA THR B 280 -4.90 21.75 -15.71
C THR B 280 -3.43 22.08 -15.87
N GLU B 281 -3.00 23.21 -15.34
CA GLU B 281 -1.65 23.72 -15.62
C GLU B 281 -0.55 22.77 -15.20
N THR B 282 -0.59 22.34 -13.92
CA THR B 282 0.50 21.60 -13.29
C THR B 282 0.63 20.26 -13.95
N THR B 283 -0.53 19.68 -14.26
CA THR B 283 -0.55 18.38 -14.88
C THR B 283 0.03 18.50 -16.27
N SER B 284 -0.34 19.58 -16.95
CA SER B 284 -0.02 19.79 -18.35
C SER B 284 1.47 20.04 -18.42
N THR B 285 1.93 20.88 -17.52
CA THR B 285 3.33 21.24 -17.42
C THR B 285 4.20 20.02 -17.12
N THR B 286 3.77 19.24 -16.13
CA THR B 286 4.48 18.03 -15.77
C THR B 286 4.67 17.14 -16.98
N LEU B 287 3.59 16.92 -17.75
CA LEU B 287 3.66 16.10 -18.96
C LEU B 287 4.67 16.64 -19.96
N ARG B 288 4.62 17.95 -20.17
CA ARG B 288 5.47 18.61 -21.15
C ARG B 288 6.92 18.46 -20.71
N TYR B 289 7.13 18.59 -19.42
CA TYR B 289 8.46 18.47 -18.88
C TYR B 289 8.91 17.02 -18.93
N ALA B 290 7.98 16.10 -18.73
CA ALA B 290 8.32 14.68 -18.86
C ALA B 290 8.89 14.35 -20.25
N LEU B 291 8.25 14.84 -21.31
CA LEU B 291 8.67 14.49 -22.66
C LEU B 291 9.99 15.15 -23.03
N LEU B 292 10.24 16.33 -22.45
CA LEU B 292 11.51 16.99 -22.67
C LEU B 292 12.64 16.14 -22.09
N LEU B 293 12.39 15.61 -20.92
CA LEU B 293 13.38 14.82 -20.20
C LEU B 293 13.60 13.48 -20.91
N LEU B 294 12.56 12.98 -21.56
CA LEU B 294 12.63 11.70 -22.25
C LEU B 294 13.33 11.87 -23.62
N LEU B 295 13.25 13.08 -24.17
CA LEU B 295 14.09 13.44 -25.32
C LEU B 295 15.54 13.54 -24.92
N LYS B 296 15.83 14.22 -23.82
CA LYS B 296 17.22 14.41 -23.39
C LYS B 296 17.87 13.12 -22.93
N HIS B 297 17.06 12.20 -22.40
CA HIS B 297 17.58 10.95 -21.84
C HIS B 297 17.00 9.75 -22.62
N PRO B 298 17.51 9.52 -23.83
CA PRO B 298 17.01 8.41 -24.66
C PRO B 298 17.21 7.05 -24.01
N GLU B 299 18.25 6.86 -23.22
CA GLU B 299 18.45 5.58 -22.50
C GLU B 299 17.32 5.26 -21.52
N VAL B 300 16.89 6.27 -20.80
CA VAL B 300 15.78 6.13 -19.86
C VAL B 300 14.52 5.77 -20.62
N THR B 301 14.26 6.48 -21.70
CA THR B 301 13.09 6.22 -22.50
C THR B 301 13.02 4.78 -23.01
N ALA B 302 14.15 4.23 -23.44
CA ALA B 302 14.15 2.88 -24.00
C ALA B 302 13.82 1.85 -22.95
N LYS B 303 14.36 2.01 -21.74
CA LYS B 303 14.05 1.08 -20.64
C LYS B 303 12.55 1.09 -20.29
N VAL B 304 11.96 2.28 -20.31
CA VAL B 304 10.51 2.45 -20.15
C VAL B 304 9.74 1.74 -21.26
N GLN B 305 10.25 1.79 -22.48
CA GLN B 305 9.57 1.11 -23.56
C GLN B 305 9.67 -0.41 -23.38
N GLU B 306 10.77 -0.92 -22.79
CA GLU B 306 10.94 -2.38 -22.58
C GLU B 306 9.82 -2.87 -21.66
N GLU B 307 9.72 -2.22 -20.51
CA GLU B 307 8.62 -2.43 -19.60
C GLU B 307 7.26 -2.37 -20.29
N ILE B 308 7.04 -1.40 -21.17
CA ILE B 308 5.75 -1.34 -21.84
C ILE B 308 5.54 -2.53 -22.79
N GLU B 309 6.52 -2.87 -23.64
CA GLU B 309 6.39 -4.04 -24.55
C GLU B 309 6.09 -5.35 -23.81
N ARG B 310 6.64 -5.50 -22.60
CA ARG B 310 6.61 -6.76 -21.86
C ARG B 310 5.38 -6.92 -20.98
N VAL B 311 5.05 -5.88 -20.21
CA VAL B 311 3.93 -5.94 -19.26
C VAL B 311 2.58 -5.69 -19.94
N ILE B 312 2.61 -4.77 -20.90
CA ILE B 312 1.48 -4.42 -21.76
C ILE B 312 1.81 -4.89 -23.18
N GLY B 313 0.82 -5.29 -23.96
CA GLY B 313 1.10 -5.59 -25.35
C GLY B 313 1.40 -4.32 -26.14
N ARG B 314 1.34 -4.43 -27.45
CA ARG B 314 1.15 -3.26 -28.30
C ARG B 314 -0.36 -3.07 -28.49
N ASN B 315 -1.12 -4.14 -28.27
CA ASN B 315 -2.56 -4.14 -28.55
C ASN B 315 -3.36 -3.36 -27.53
N ARG B 316 -3.51 -3.89 -26.31
CA ARG B 316 -4.35 -3.24 -25.30
C ARG B 316 -3.77 -1.95 -24.71
N SER B 317 -4.67 -1.10 -24.24
CA SER B 317 -4.26 0.16 -23.68
C SER B 317 -3.82 -0.03 -22.22
N PRO B 318 -2.91 0.82 -21.73
CA PRO B 318 -2.39 0.69 -20.37
C PRO B 318 -3.46 0.95 -19.36
N CYS B 319 -3.23 0.51 -18.14
CA CYS B 319 -4.14 0.76 -17.01
C CYS B 319 -3.33 0.77 -15.73
N MET B 320 -3.94 1.24 -14.65
CA MET B 320 -3.22 1.46 -13.40
C MET B 320 -2.61 0.19 -12.81
N GLN B 321 -3.26 -0.95 -13.03
CA GLN B 321 -2.78 -2.22 -12.48
C GLN B 321 -1.39 -2.54 -12.98
N ASP B 322 -1.04 -2.07 -14.18
CA ASP B 322 0.29 -2.34 -14.75
C ASP B 322 1.46 -1.69 -14.06
N ARG B 323 1.19 -0.74 -13.17
CA ARG B 323 2.25 0.10 -12.65
C ARG B 323 3.07 -0.63 -11.57
N SER B 324 2.40 -1.44 -10.77
CA SER B 324 3.07 -2.38 -9.87
C SER B 324 4.11 -3.28 -10.56
N HIS B 325 3.80 -3.73 -11.78
CA HIS B 325 4.75 -4.53 -12.58
C HIS B 325 5.72 -3.69 -13.42
N MET B 326 5.67 -2.36 -13.26
CA MET B 326 6.46 -1.46 -14.07
C MET B 326 7.23 -0.46 -13.21
N PRO B 327 8.11 -0.96 -12.37
CA PRO B 327 8.77 -0.14 -11.35
C PRO B 327 9.68 0.94 -11.93
N TYR B 328 10.35 0.63 -13.04
CA TYR B 328 11.23 1.59 -13.67
C TYR B 328 10.44 2.81 -14.17
N THR B 329 9.36 2.56 -14.89
CA THR B 329 8.47 3.63 -15.32
C THR B 329 7.92 4.44 -14.13
N ASP B 330 7.40 3.77 -13.10
CA ASP B 330 6.98 4.40 -11.85
C ASP B 330 8.12 5.28 -11.34
N ALA B 331 9.35 4.80 -11.45
CA ALA B 331 10.49 5.56 -10.98
C ALA B 331 10.74 6.78 -11.89
N VAL B 332 10.59 6.61 -13.20
CA VAL B 332 10.74 7.74 -14.13
C VAL B 332 9.70 8.86 -13.86
N VAL B 333 8.46 8.48 -13.57
CA VAL B 333 7.40 9.45 -13.37
C VAL B 333 7.66 10.19 -12.08
N HIS B 334 8.00 9.45 -11.04
CA HIS B 334 8.34 10.02 -9.74
C HIS B 334 9.52 10.96 -9.85
N GLU B 335 10.54 10.56 -10.59
CA GLU B 335 11.71 11.41 -10.76
C GLU B 335 11.43 12.67 -11.62
N VAL B 336 10.53 12.58 -12.61
CA VAL B 336 10.15 13.75 -13.36
C VAL B 336 9.59 14.74 -12.32
N GLN B 337 8.60 14.33 -11.56
CA GLN B 337 7.96 15.24 -10.63
C GLN B 337 8.98 15.83 -9.66
N ARG B 338 9.91 14.99 -9.20
CA ARG B 338 10.82 15.38 -8.14
C ARG B 338 11.77 16.44 -8.60
N TYR B 339 12.40 16.16 -9.73
CA TYR B 339 13.42 17.02 -10.31
C TYR B 339 12.85 18.38 -10.68
N ILE B 340 11.69 18.41 -11.34
CA ILE B 340 11.13 19.68 -11.85
C ILE B 340 10.64 20.64 -10.78
N ASP B 341 10.18 20.12 -9.66
CA ASP B 341 9.84 20.96 -8.52
C ASP B 341 8.99 22.17 -8.93
N LEU B 342 7.74 21.87 -9.25
CA LEU B 342 6.88 22.76 -10.00
C LEU B 342 6.26 23.84 -9.13
N LEU B 343 5.90 23.49 -7.90
CA LEU B 343 5.44 24.48 -6.94
C LEU B 343 6.41 24.51 -5.77
N PRO B 344 7.59 25.13 -5.97
CA PRO B 344 8.70 25.13 -5.00
C PRO B 344 8.35 25.56 -3.58
N THR B 345 7.39 26.46 -3.48
CA THR B 345 6.64 26.72 -2.26
C THR B 345 5.24 26.28 -2.66
N SER B 346 4.84 25.16 -2.11
CA SER B 346 3.48 24.72 -2.31
C SER B 346 2.71 26.01 -2.13
N LEU B 347 1.45 26.02 -2.54
CA LEU B 347 0.56 27.09 -2.17
C LEU B 347 0.65 27.49 -0.70
N PRO B 348 0.50 28.78 -0.40
CA PRO B 348 0.72 29.30 0.97
C PRO B 348 -0.29 28.84 1.99
N HIS B 349 0.18 28.41 3.17
CA HIS B 349 -0.64 28.00 4.32
C HIS B 349 -0.80 29.14 5.33
N ALA B 350 -1.51 28.90 6.42
CA ALA B 350 -1.62 29.87 7.50
C ALA B 350 -2.00 29.16 8.79
N VAL B 351 -1.39 29.58 9.90
CA VAL B 351 -1.64 28.90 11.17
C VAL B 351 -3.02 29.25 11.64
N THR B 352 -3.71 28.25 12.14
CA THR B 352 -5.14 28.35 12.32
C THR B 352 -5.47 28.81 13.75
N CYS B 353 -4.42 29.08 14.53
CA CYS B 353 -4.53 29.48 15.94
C CYS B 353 -3.15 29.87 16.47
N ASP B 354 -3.10 30.61 17.58
CA ASP B 354 -1.83 30.92 18.22
C ASP B 354 -1.12 29.62 18.60
N ILE B 355 -0.03 29.31 17.91
CA ILE B 355 0.75 28.10 18.17
C ILE B 355 2.14 28.47 18.67
N LYS B 356 2.76 27.56 19.42
CA LYS B 356 4.21 27.60 19.69
C LYS B 356 4.83 26.49 18.88
N PHE B 357 5.92 26.79 18.19
CA PHE B 357 6.49 25.84 17.25
C PHE B 357 8.01 25.95 17.30
N ARG B 358 8.66 24.92 17.82
CA ARG B 358 10.13 24.93 18.07
C ARG B 358 10.56 26.10 19.01
N ASN B 359 9.75 26.34 20.05
CA ASN B 359 9.86 27.52 20.90
C ASN B 359 10.07 28.77 20.04
N TYR B 360 9.14 29.04 19.14
CA TYR B 360 9.28 30.21 18.28
C TYR B 360 8.07 31.10 18.12
N LEU B 361 6.95 30.78 18.78
CA LEU B 361 5.86 31.76 19.00
C LEU B 361 5.25 32.36 17.69
N ILE B 362 4.33 31.61 17.05
CA ILE B 362 3.68 32.06 15.81
C ILE B 362 2.21 32.44 16.02
N PRO B 363 1.88 33.70 15.78
CA PRO B 363 0.51 34.17 15.99
C PRO B 363 -0.50 33.70 14.94
N LYS B 364 -1.76 33.49 15.37
CA LYS B 364 -2.89 33.10 14.52
C LYS B 364 -3.06 33.98 13.27
N GLY B 365 -3.30 33.34 12.13
CA GLY B 365 -3.39 34.01 10.84
C GLY B 365 -2.09 34.22 10.10
N THR B 366 -0.93 33.98 10.75
CA THR B 366 0.36 34.21 10.13
C THR B 366 0.51 33.37 8.86
N THR B 367 1.03 33.95 7.79
CA THR B 367 1.24 33.20 6.56
C THR B 367 2.46 32.31 6.67
N ILE B 368 2.35 31.11 6.11
CA ILE B 368 3.41 30.07 6.18
C ILE B 368 3.77 29.62 4.77
N LEU B 369 5.04 29.67 4.43
CA LEU B 369 5.48 29.14 3.17
C LEU B 369 6.23 27.85 3.41
N ILE B 370 5.77 26.75 2.78
CA ILE B 370 6.39 25.44 2.91
C ILE B 370 7.38 25.29 1.77
N SER B 371 8.61 24.94 2.07
CA SER B 371 9.59 24.84 1.02
C SER B 371 9.59 23.41 0.51
N LEU B 372 8.83 23.14 -0.55
CA LEU B 372 8.86 21.80 -1.15
C LEU B 372 10.20 21.45 -1.78
N THR B 373 10.92 22.43 -2.29
CA THR B 373 12.25 22.21 -2.89
C THR B 373 13.20 21.58 -1.90
N SER B 374 13.11 22.04 -0.65
CA SER B 374 14.07 21.62 0.35
C SER B 374 13.86 20.16 0.69
N VAL B 375 12.64 19.69 0.48
CA VAL B 375 12.34 18.27 0.64
C VAL B 375 12.56 17.47 -0.64
N LEU B 376 12.09 17.99 -1.77
CA LEU B 376 12.20 17.26 -3.03
C LEU B 376 13.64 17.17 -3.48
N HIS B 377 14.51 18.02 -2.92
CA HIS B 377 15.90 18.10 -3.36
C HIS B 377 16.88 17.91 -2.23
N ASP B 378 16.47 17.20 -1.15
CA ASP B 378 17.36 16.80 -0.05
C ASP B 378 18.64 16.08 -0.56
N ASN B 379 19.84 16.56 -0.18
CA ASN B 379 21.14 15.92 -0.49
C ASN B 379 21.31 14.52 0.01
N LYS B 380 20.82 14.26 1.21
CA LYS B 380 21.01 12.95 1.84
C LYS B 380 20.13 11.96 1.08
N GLU B 381 18.82 12.18 1.13
CA GLU B 381 17.83 11.32 0.46
C GLU B 381 18.02 11.13 -1.06
N PHE B 382 18.47 12.18 -1.76
CA PHE B 382 18.65 12.13 -3.22
C PHE B 382 20.08 12.53 -3.61
N PRO B 383 21.06 11.65 -3.44
CA PRO B 383 22.47 12.00 -3.63
C PRO B 383 22.74 13.24 -4.48
N ASN B 384 22.55 13.21 -5.80
CA ASN B 384 22.83 14.41 -6.58
C ASN B 384 21.51 15.04 -7.05
N PRO B 385 20.91 15.89 -6.22
CA PRO B 385 19.48 16.21 -6.38
C PRO B 385 19.18 17.08 -7.63
N GLU B 386 20.19 17.66 -8.28
CA GLU B 386 19.97 18.49 -9.47
C GLU B 386 20.07 17.74 -10.77
N MET B 387 20.36 16.45 -10.71
CA MET B 387 20.35 15.59 -11.89
C MET B 387 19.03 14.82 -12.05
N PHE B 388 18.56 14.67 -13.29
CA PHE B 388 17.54 13.69 -13.59
C PHE B 388 18.15 12.28 -13.51
N ASP B 389 17.79 11.55 -12.45
CA ASP B 389 18.17 10.15 -12.31
C ASP B 389 17.04 9.33 -11.70
N PRO B 390 16.41 8.47 -12.50
CA PRO B 390 15.30 7.65 -11.99
C PRO B 390 15.71 6.71 -10.84
N HIS B 391 17.00 6.38 -10.71
CA HIS B 391 17.47 5.48 -9.64
C HIS B 391 17.31 6.08 -8.25
N HIS B 392 17.03 7.38 -8.18
CA HIS B 392 16.63 8.06 -6.96
C HIS B 392 15.36 7.38 -6.39
N PHE B 393 14.67 6.60 -7.21
CA PHE B 393 13.47 5.85 -6.80
C PHE B 393 13.57 4.37 -7.20
N LEU B 394 14.78 3.80 -7.09
CA LEU B 394 15.03 2.39 -7.36
C LEU B 394 16.11 1.78 -6.42
N ASP B 395 15.81 0.59 -5.90
CA ASP B 395 16.66 -0.11 -4.95
C ASP B 395 17.69 -0.96 -5.68
N GLU B 396 18.42 -1.78 -4.91
CA GLU B 396 19.31 -2.86 -5.37
C GLU B 396 18.96 -3.53 -6.73
N GLY B 397 17.82 -4.21 -6.81
CA GLY B 397 17.32 -4.79 -8.06
C GLY B 397 16.71 -3.72 -8.96
N GLY B 398 15.58 -4.00 -9.60
CA GLY B 398 14.76 -2.93 -10.17
C GLY B 398 14.02 -2.34 -8.99
N ASN B 399 12.76 -2.70 -8.84
CA ASN B 399 11.99 -2.51 -7.59
C ASN B 399 11.87 -1.05 -7.13
N PHE B 400 10.64 -0.60 -7.01
CA PHE B 400 10.42 0.81 -6.80
C PHE B 400 10.80 1.09 -5.35
N LYS B 401 11.65 2.10 -5.16
CA LYS B 401 12.07 2.57 -3.83
C LYS B 401 11.34 3.86 -3.46
N LYS B 402 10.30 3.75 -2.63
CA LYS B 402 9.49 4.90 -2.21
C LYS B 402 10.27 5.87 -1.35
N SER B 403 9.67 6.97 -0.94
CA SER B 403 10.40 8.00 -0.21
C SER B 403 9.43 8.97 0.43
N LYS B 404 9.69 9.33 1.67
CA LYS B 404 8.78 10.22 2.39
C LYS B 404 9.10 11.63 1.93
N TYR B 405 10.25 11.78 1.26
CA TYR B 405 10.71 13.05 0.74
C TYR B 405 10.06 13.41 -0.62
N PHE B 406 9.10 12.59 -1.05
CA PHE B 406 8.37 12.80 -2.29
C PHE B 406 7.06 13.53 -1.98
N MET B 407 7.14 14.87 -1.95
CA MET B 407 6.00 15.73 -1.63
C MET B 407 5.64 16.79 -2.71
N PRO B 408 5.62 16.45 -3.99
CA PRO B 408 5.30 17.42 -5.04
C PRO B 408 3.85 17.89 -4.99
N PHE B 409 3.03 17.05 -4.37
CA PHE B 409 1.64 17.34 -4.11
C PHE B 409 1.43 17.90 -2.74
N SER B 410 2.52 18.23 -2.04
CA SER B 410 2.48 18.65 -0.62
C SER B 410 2.17 17.50 0.39
N ALA B 411 1.71 17.86 1.59
CA ALA B 411 1.41 16.87 2.64
C ALA B 411 0.40 17.34 3.68
N GLY B 412 -0.23 16.38 4.36
CA GLY B 412 -1.12 16.67 5.44
C GLY B 412 -2.52 17.06 5.03
N LYS B 413 -3.17 17.85 5.87
CA LYS B 413 -4.59 18.16 5.71
C LYS B 413 -4.96 18.88 4.41
N ARG B 414 -3.96 19.52 3.78
CA ARG B 414 -4.15 20.29 2.54
C ARG B 414 -3.52 19.65 1.32
N ILE B 415 -3.03 18.43 1.47
CA ILE B 415 -2.37 17.75 0.35
C ILE B 415 -3.24 17.83 -0.92
N CYS B 416 -2.62 17.93 -2.07
CA CYS B 416 -3.35 18.02 -3.33
C CYS B 416 -4.54 17.04 -3.44
N VAL B 417 -5.73 17.61 -3.57
CA VAL B 417 -6.98 16.85 -3.71
C VAL B 417 -6.96 15.94 -4.93
N GLY B 418 -6.12 16.29 -5.91
CA GLY B 418 -6.08 15.57 -7.17
C GLY B 418 -4.87 14.70 -7.33
N GLU B 419 -4.31 14.26 -6.21
CA GLU B 419 -3.10 13.44 -6.23
C GLU B 419 -3.28 12.13 -6.98
N ALA B 420 -4.42 11.49 -6.76
CA ALA B 420 -4.74 10.23 -7.41
C ALA B 420 -4.99 10.47 -8.88
N LEU B 421 -5.85 11.42 -9.19
CA LEU B 421 -6.12 11.80 -10.58
C LEU B 421 -4.84 12.20 -11.29
N ALA B 422 -4.06 13.06 -10.69
CA ALA B 422 -2.85 13.44 -11.33
C ALA B 422 -1.96 12.26 -11.73
N GLY B 423 -1.73 11.33 -10.80
CA GLY B 423 -0.74 10.30 -11.03
C GLY B 423 -1.28 9.31 -12.04
N MET B 424 -2.58 9.11 -11.98
CA MET B 424 -3.28 8.36 -13.02
C MET B 424 -3.12 8.98 -14.44
N GLU B 425 -3.28 10.30 -14.58
CA GLU B 425 -3.04 11.00 -15.86
C GLU B 425 -1.59 10.87 -16.29
N LEU B 426 -0.63 11.12 -15.40
CA LEU B 426 0.78 11.01 -15.78
C LEU B 426 1.21 9.63 -16.26
N PHE B 427 0.81 8.61 -15.50
CA PHE B 427 1.24 7.25 -15.80
C PHE B 427 0.63 6.80 -17.12
N LEU B 428 -0.69 6.97 -17.24
CA LEU B 428 -1.45 6.48 -18.40
C LEU B 428 -1.25 7.33 -19.68
N PHE B 429 -1.05 8.63 -19.53
CA PHE B 429 -0.77 9.42 -20.72
C PHE B 429 0.63 9.12 -21.23
N LEU B 430 1.58 8.96 -20.33
CA LEU B 430 2.97 8.81 -20.77
C LEU B 430 3.20 7.41 -21.29
N THR B 431 2.62 6.42 -20.65
CA THR B 431 2.75 5.06 -21.17
C THR B 431 2.01 4.95 -22.50
N SER B 432 0.85 5.57 -22.61
CA SER B 432 0.12 5.54 -23.89
C SER B 432 0.92 6.18 -25.03
N ILE B 433 1.66 7.23 -24.72
CA ILE B 433 2.48 7.90 -25.72
C ILE B 433 3.64 7.01 -26.18
N LEU B 434 4.37 6.43 -25.25
CA LEU B 434 5.59 5.73 -25.61
C LEU B 434 5.34 4.31 -26.07
N GLN B 435 4.12 3.85 -25.83
CA GLN B 435 3.61 2.61 -26.41
C GLN B 435 3.43 2.79 -27.91
N ASN B 436 2.91 3.97 -28.32
CA ASN B 436 2.54 4.28 -29.72
C ASN B 436 3.55 5.13 -30.57
N PHE B 437 4.46 5.84 -29.88
CA PHE B 437 5.44 6.73 -30.53
C PHE B 437 6.83 6.63 -29.93
N ASN B 438 7.87 6.74 -30.78
CA ASN B 438 9.19 7.17 -30.34
C ASN B 438 9.33 8.69 -30.43
N LEU B 439 10.25 9.28 -29.70
CA LEU B 439 10.40 10.72 -29.71
C LEU B 439 11.70 11.12 -30.42
N LYS B 440 11.59 11.81 -31.56
CA LYS B 440 12.77 12.27 -32.27
C LYS B 440 13.00 13.71 -31.92
N SER B 441 14.21 14.03 -31.48
CA SER B 441 14.58 15.41 -31.18
C SER B 441 14.83 16.13 -32.49
N LEU B 442 14.64 17.44 -32.47
CA LEU B 442 14.94 18.27 -33.64
C LEU B 442 16.43 18.55 -33.67
N VAL B 443 16.89 19.33 -32.68
CA VAL B 443 18.26 19.84 -32.60
C VAL B 443 19.20 18.91 -31.81
N ASP B 444 18.81 17.66 -31.66
CA ASP B 444 19.64 16.63 -31.02
C ASP B 444 19.79 16.80 -29.49
N PRO B 445 19.72 15.67 -28.79
CA PRO B 445 19.51 15.65 -27.33
C PRO B 445 20.56 16.33 -26.49
N LYS B 446 21.85 16.09 -26.74
CA LYS B 446 22.89 16.61 -25.87
C LYS B 446 22.85 18.15 -25.76
N ASN B 447 22.50 18.82 -26.87
CA ASN B 447 22.46 20.28 -26.91
C ASN B 447 21.26 20.90 -26.21
N LEU B 448 20.25 20.09 -25.91
CA LEU B 448 19.03 20.57 -25.25
C LEU B 448 19.29 20.90 -23.79
N ASP B 449 18.63 21.95 -23.33
CA ASP B 449 18.79 22.41 -21.97
C ASP B 449 17.48 22.19 -21.22
N THR B 450 17.58 21.64 -20.01
CA THR B 450 16.40 21.34 -19.20
C THR B 450 16.38 22.13 -17.90
N THR B 451 17.01 23.30 -17.94
CA THR B 451 16.99 24.27 -16.84
C THR B 451 15.57 24.79 -16.62
N PRO B 452 14.95 24.42 -15.50
CA PRO B 452 13.67 25.03 -15.13
C PRO B 452 13.78 26.56 -15.11
N VAL B 453 12.95 27.23 -15.90
CA VAL B 453 12.75 28.68 -15.83
C VAL B 453 11.78 28.99 -14.66
N VAL B 454 12.26 29.67 -13.62
CA VAL B 454 11.45 29.97 -12.45
C VAL B 454 10.93 31.42 -12.42
N ASN B 455 9.67 31.60 -12.03
CA ASN B 455 9.11 32.93 -11.76
C ASN B 455 8.28 32.95 -10.47
N GLY B 456 8.98 33.19 -9.37
CA GLY B 456 8.39 33.33 -8.05
C GLY B 456 7.88 32.01 -7.49
N PHE B 457 6.55 31.83 -7.56
CA PHE B 457 5.82 30.71 -6.95
C PHE B 457 5.61 29.51 -7.90
N ALA B 458 5.98 29.66 -9.17
CA ALA B 458 5.84 28.58 -10.16
C ALA B 458 7.13 28.42 -10.98
N SER B 459 7.12 27.43 -11.88
CA SER B 459 8.26 27.16 -12.75
C SER B 459 7.85 26.23 -13.88
N VAL B 460 8.57 26.32 -15.00
CA VAL B 460 8.11 25.76 -16.28
C VAL B 460 9.30 25.42 -17.15
N PRO B 461 9.16 24.49 -18.10
CA PRO B 461 10.30 24.08 -18.92
C PRO B 461 10.54 25.10 -20.03
N PRO B 462 11.69 25.04 -20.69
CA PRO B 462 11.93 25.91 -21.84
C PRO B 462 11.15 25.41 -23.06
N PHE B 463 10.98 26.30 -24.03
CA PHE B 463 10.37 25.95 -25.29
C PHE B 463 11.14 24.82 -25.95
N TYR B 464 10.42 23.89 -26.57
CA TYR B 464 11.08 22.86 -27.37
C TYR B 464 10.05 22.22 -28.29
N GLN B 465 10.56 21.52 -29.30
CA GLN B 465 9.75 20.79 -30.27
C GLN B 465 10.26 19.38 -30.41
N LEU B 466 9.41 18.52 -30.95
CA LEU B 466 9.74 17.12 -31.21
C LEU B 466 8.78 16.48 -32.21
N CYS B 467 9.07 15.22 -32.56
CA CYS B 467 8.22 14.43 -33.43
C CYS B 467 7.78 13.14 -32.76
N PHE B 468 6.50 12.84 -32.92
CA PHE B 468 5.92 11.61 -32.48
C PHE B 468 5.94 10.64 -33.65
N ILE B 469 7.05 9.93 -33.80
CA ILE B 469 7.21 8.94 -34.88
C ILE B 469 6.55 7.64 -34.44
N PRO B 470 5.52 7.19 -35.16
CA PRO B 470 4.90 5.89 -34.88
C PRO B 470 5.89 4.71 -34.81
N VAL B 471 5.49 3.66 -34.10
CA VAL B 471 6.36 2.52 -33.89
C VAL B 471 6.11 1.43 -34.95
N HIS B 472 7.02 0.72 -35.40
FE HEC C . 2.47 -22.52 6.74
CHA HEC C . 5.85 -23.47 7.27
CHB HEC C . 3.23 -19.49 8.05
CHC HEC C . -0.83 -21.73 6.26
CHD HEC C . 1.83 -25.70 5.48
NA HEC C . 4.29 -21.60 7.55
C1A HEC C . 5.52 -22.13 7.68
C2A HEC C . 6.53 -21.26 8.21
C3A HEC C . 5.77 -20.01 8.48
C4A HEC C . 4.40 -20.37 8.01
CMA HEC C . 6.24 -18.72 9.05
CAA HEC C . 7.93 -21.69 8.39
CBA HEC C . 8.99 -20.67 8.61
CGA HEC C . 10.31 -21.06 8.05
O1A HEC C . 10.70 -22.22 8.09
O2A HEC C . 11.00 -20.20 7.57
NB HEC C . 1.45 -20.92 7.09
C1B HEC C . 1.86 -19.76 7.62
C2B HEC C . 0.80 -18.70 7.72
C3B HEC C . -0.38 -19.40 7.22
C4B HEC C . 0.11 -20.74 6.85
CMB HEC C . 0.87 -17.30 8.24
CAB HEC C . -1.76 -18.91 7.03
CBB HEC C . -2.27 -17.65 7.67
NC HEC C . 0.72 -23.59 5.96
C1C HEC C . -0.51 -23.09 5.83
C2C HEC C . -1.50 -24.04 5.23
C3C HEC C . -0.66 -25.22 5.01
C4C HEC C . 0.66 -24.84 5.49
CMC HEC C . -2.95 -23.84 4.94
CAC HEC C . -1.03 -26.54 4.43
CBC HEC C . -0.10 -27.07 3.37
ND HEC C . 3.55 -24.10 6.45
C1D HEC C . 3.16 -25.32 5.93
C2D HEC C . 4.22 -26.37 5.85
C3D HEC C . 5.40 -25.73 6.34
C4D HEC C . 4.88 -24.37 6.70
CMD HEC C . 4.24 -27.80 5.33
CAD HEC C . 6.78 -26.37 6.50
CBD HEC C . 7.86 -26.00 5.52
CGD HEC C . 9.08 -26.58 5.64
O1D HEC C . 9.81 -26.76 4.69
O2D HEC C . 9.50 -26.95 6.72
FE HEC D . -2.94 19.89 -7.13
CHA HEC D . -3.33 21.83 -4.18
CHB HEC D . 0.45 20.05 -6.70
CHC HEC D . -2.66 18.08 -10.00
CHD HEC D . -6.41 19.77 -7.53
NA HEC D . -1.64 20.83 -5.63
C1A HEC D . -1.96 21.56 -4.54
C2A HEC D . -0.78 21.98 -3.76
C3A HEC D . 0.36 21.43 -4.51
C4A HEC D . -0.29 20.75 -5.64
CMA HEC D . 1.81 21.60 -4.21
CAA HEC D . -0.69 22.75 -2.51
CBA HEC D . -1.49 22.14 -1.37
CGA HEC D . -1.04 22.76 -0.05
O1A HEC D . -1.69 23.67 0.45
O2A HEC D . -0.03 22.38 0.52
NB HEC D . -1.44 19.24 -8.15
C1B HEC D . -0.09 19.35 -7.87
C2B HEC D . 0.84 18.70 -8.83
C3B HEC D . -0.13 18.16 -9.78
C4B HEC D . -1.46 18.54 -9.29
CMB HEC D . 2.35 18.62 -8.86
CAB HEC D . 0.15 17.37 -11.00
CBB HEC D . 1.51 17.41 -11.61
NC HEC D . -4.34 19.09 -8.60
C1C HEC D . -4.06 18.36 -9.67
C2C HEC D . -5.23 17.83 -10.45
C3C HEC D . -6.35 18.36 -9.68
C4C HEC D . -5.70 19.09 -8.57
CMC HEC D . -5.25 17.05 -11.72
CAC HEC D . -7.78 18.21 -10.03
CBC HEC D . -8.78 17.91 -8.97
ND HEC D . -4.44 20.61 -6.13
C1D HEC D . -5.79 20.46 -6.42
C2D HEC D . -6.71 21.15 -5.47
C3D HEC D . -5.83 21.74 -4.46
C4D HEC D . -4.46 21.39 -4.97
CMD HEC D . -8.20 21.19 -5.46
CAD HEC D . -6.29 22.53 -3.28
CBD HEC D . -6.40 21.73 -1.99
CGD HEC D . -6.77 22.39 -0.87
O1D HEC D . -7.32 21.81 0.06
O2D HEC D . -6.58 23.59 -0.77
#